data_7RS7
#
_entry.id   7RS7
#
_cell.length_a   53.665
_cell.length_b   58.621
_cell.length_c   93.932
_cell.angle_alpha   87.270
_cell.angle_beta   74.870
_cell.angle_gamma   62.910
#
_symmetry.space_group_name_H-M   'P 1'
#
loop_
_entity.id
_entity.type
_entity.pdbx_description
1 polymer 'Estrogen receptor'
2 non-polymer (1S,2R,4S,5S,6S)-N,5,6-tris(4-hydroxyphenyl)-N-(2,2,2-trifluoroethyl)-7-oxabicyclo[2.2.1]heptane-2-sulfonamide
3 water water
#
_entity_poly.entity_id   1
_entity_poly.type   'polypeptide(L)'
_entity_poly.pdbx_seq_one_letter_code
;IKRSKKNSLALSLTADQMVSALLDAEPPILYSEYDPTRPFSEASMMGLLTNLADRELVHMINWAKRVPGFVDLTSHDQVH
LLE(YCM)AWLEILMIGLVWRSMEHPGKLLFAPNLLLDRNQGK(YCM)VEGMVEIFDMLLATSSRFRMMNLQGEEFVCLK
SIILLNSGVYTFLSSTLKSLEEKDHIHRVLDKITDTLIHLMAKAGLTLQQQHQRLAQLLLILSHIRHMSNKGMEHLYSMK
CKNVVPSYDLLLEMLDAHRLHAPTS
;
_entity_poly.pdbx_strand_id   A,B,C,D
#
loop_
_chem_comp.id
_chem_comp.type
_chem_comp.name
_chem_comp.formula
73I non-polymer (1S,2R,4S,5S,6S)-N,5,6-tris(4-hydroxyphenyl)-N-(2,2,2-trifluoroethyl)-7-oxabicyclo[2.2.1]heptane-2-sulfonamide 'C26 H22 F3 N O6 S'
#
# COMPACT_ATOMS: atom_id res chain seq x y z
N ASN A 7 19.99 23.90 23.18
CA ASN A 7 20.32 22.82 22.21
C ASN A 7 19.86 21.47 22.83
N SER A 8 19.44 20.51 22.00
CA SER A 8 18.28 19.64 22.28
C SER A 8 18.51 18.16 21.92
N LEU A 9 17.48 17.36 22.24
CA LEU A 9 17.36 15.90 22.00
C LEU A 9 16.46 15.61 20.79
N ALA A 10 15.87 16.63 20.18
CA ALA A 10 14.94 16.51 19.02
C ALA A 10 15.65 15.82 17.85
N LEU A 11 16.89 16.19 17.53
CA LEU A 11 17.62 15.63 16.38
C LEU A 11 18.09 14.20 16.68
N SER A 12 17.95 13.73 17.92
CA SER A 12 18.35 12.37 18.35
C SER A 12 17.17 11.41 18.23
N LEU A 13 15.94 11.89 17.99
CA LEU A 13 14.76 10.99 17.89
C LEU A 13 14.90 10.05 16.67
N THR A 14 14.45 8.80 16.82
CA THR A 14 14.22 7.87 15.70
C THR A 14 12.96 8.29 14.95
N ALA A 15 12.76 7.80 13.73
CA ALA A 15 11.49 7.97 12.97
C ALA A 15 10.30 7.52 13.83
N ASP A 16 10.39 6.36 14.49
CA ASP A 16 9.29 5.85 15.37
C ASP A 16 8.99 6.80 16.53
N GLN A 17 10.03 7.34 17.19
CA GLN A 17 9.85 8.30 18.31
C GLN A 17 9.23 9.60 17.80
N MET A 18 9.65 10.07 16.62
CA MET A 18 9.13 11.30 15.99
C MET A 18 7.64 11.11 15.72
N VAL A 19 7.24 10.00 15.10
CA VAL A 19 5.80 9.75 14.79
C VAL A 19 5.02 9.73 16.11
N SER A 20 5.51 9.00 17.12
CA SER A 20 4.85 8.90 18.46
C SER A 20 4.67 10.30 19.08
N ALA A 21 5.72 11.13 19.04
CA ALA A 21 5.69 12.52 19.56
C ALA A 21 4.58 13.33 18.86
N LEU A 22 4.56 13.28 17.52
CA LEU A 22 3.58 14.06 16.70
C LEU A 22 2.15 13.55 16.96
N LEU A 23 1.94 12.23 17.01
CA LEU A 23 0.59 11.68 17.29
C LEU A 23 0.12 12.14 18.67
N ASP A 24 0.97 12.06 19.69
CA ASP A 24 0.65 12.45 21.08
C ASP A 24 0.33 13.94 21.18
N ALA A 25 0.96 14.78 20.36
CA ALA A 25 0.84 16.25 20.41
C ALA A 25 -0.47 16.73 19.73
N GLU A 26 -1.18 15.85 19.03
CA GLU A 26 -2.36 16.24 18.20
C GLU A 26 -3.36 17.02 19.03
N PRO A 27 -3.82 18.21 18.57
CA PRO A 27 -4.83 18.98 19.27
C PRO A 27 -6.21 18.35 19.20
N PRO A 28 -7.13 18.73 20.10
CA PRO A 28 -8.49 18.19 20.07
C PRO A 28 -9.30 18.80 18.92
N ILE A 29 -10.38 18.13 18.55
CA ILE A 29 -11.38 18.61 17.57
C ILE A 29 -12.38 19.43 18.38
N LEU A 30 -12.55 20.70 18.05
CA LEU A 30 -13.51 21.57 18.78
C LEU A 30 -14.84 21.59 18.04
N TYR A 31 -15.87 22.02 18.77
CA TYR A 31 -17.25 22.24 18.25
C TYR A 31 -17.44 23.73 17.96
N SER A 32 -18.27 24.01 16.95
CA SER A 32 -18.82 25.36 16.67
C SER A 32 -19.83 25.72 17.75
N GLU A 33 -20.12 27.02 17.92
CA GLU A 33 -21.28 27.47 18.75
C GLU A 33 -22.47 26.54 18.50
N TYR A 34 -23.12 25.99 19.54
CA TYR A 34 -24.32 25.15 19.41
C TYR A 34 -25.45 26.08 18.96
N ASP A 35 -26.29 25.59 18.05
CA ASP A 35 -27.56 26.23 17.60
C ASP A 35 -27.31 27.68 17.21
N PRO A 36 -26.54 27.91 16.13
CA PRO A 36 -26.47 29.24 15.52
C PRO A 36 -27.75 29.44 14.70
N THR A 37 -28.21 30.69 14.61
CA THR A 37 -29.33 31.09 13.71
C THR A 37 -28.93 30.79 12.26
N ARG A 38 -29.71 29.94 11.59
CA ARG A 38 -29.59 29.61 10.16
C ARG A 38 -30.85 30.11 9.47
N PRO A 39 -30.81 30.53 8.18
CA PRO A 39 -29.57 30.60 7.40
C PRO A 39 -28.60 31.69 7.89
N PHE A 40 -27.32 31.57 7.51
CA PHE A 40 -26.23 32.52 7.91
C PHE A 40 -26.32 33.77 7.04
N SER A 41 -25.99 34.94 7.62
CA SER A 41 -25.53 36.15 6.90
C SER A 41 -24.00 36.04 6.73
N GLU A 42 -23.40 36.98 5.99
CA GLU A 42 -21.92 37.09 5.85
C GLU A 42 -21.30 37.33 7.23
N ALA A 43 -21.90 38.23 8.00
CA ALA A 43 -21.49 38.61 9.37
C ALA A 43 -21.54 37.39 10.31
N SER A 44 -22.65 36.65 10.35
CA SER A 44 -22.85 35.53 11.31
C SER A 44 -21.97 34.32 10.93
N MET A 45 -21.77 34.06 9.63
CA MET A 45 -20.90 32.96 9.15
C MET A 45 -19.45 33.27 9.55
N MET A 46 -18.98 34.47 9.25
CA MET A 46 -17.63 34.94 9.63
C MET A 46 -17.52 34.95 11.15
N GLY A 47 -18.56 35.38 11.87
CA GLY A 47 -18.59 35.35 13.34
C GLY A 47 -18.36 33.96 13.87
N LEU A 48 -19.09 32.95 13.39
CA LEU A 48 -18.96 31.53 13.83
C LEU A 48 -17.53 31.01 13.54
N LEU A 49 -17.02 31.26 12.34
CA LEU A 49 -15.74 30.68 11.90
C LEU A 49 -14.61 31.37 12.68
N THR A 50 -14.70 32.68 12.90
CA THR A 50 -13.73 33.44 13.72
C THR A 50 -13.70 32.87 15.14
N ASN A 51 -14.87 32.68 15.74
CA ASN A 51 -14.97 32.12 17.12
C ASN A 51 -14.29 30.73 17.16
N LEU A 52 -14.56 29.86 16.18
CA LEU A 52 -13.94 28.52 16.10
C LEU A 52 -12.40 28.67 15.96
N ALA A 53 -11.94 29.49 15.02
CA ALA A 53 -10.49 29.63 14.72
C ALA A 53 -9.76 30.15 15.95
N ASP A 54 -10.33 31.14 16.63
CA ASP A 54 -9.75 31.75 17.86
C ASP A 54 -9.59 30.67 18.93
N ARG A 55 -10.58 29.80 19.12
CA ARG A 55 -10.47 28.71 20.13
C ARG A 55 -9.43 27.69 19.66
N GLU A 56 -9.45 27.33 18.37
CA GLU A 56 -8.45 26.39 17.80
C GLU A 56 -7.03 26.92 17.97
N LEU A 57 -6.84 28.25 17.93
CA LEU A 57 -5.47 28.83 17.94
C LEU A 57 -4.76 28.51 19.26
N VAL A 58 -5.49 28.55 20.38
CA VAL A 58 -4.93 28.20 21.71
C VAL A 58 -4.32 26.79 21.67
N HIS A 59 -5.07 25.83 21.17
CA HIS A 59 -4.68 24.39 21.09
C HIS A 59 -3.55 24.24 20.08
N MET A 60 -3.55 25.01 18.99
CA MET A 60 -2.43 24.95 18.00
C MET A 60 -1.12 25.35 18.69
N ILE A 61 -1.14 26.38 19.52
CA ILE A 61 0.08 26.85 20.24
C ILE A 61 0.60 25.72 21.12
N ASN A 62 -0.27 25.00 21.82
CA ASN A 62 0.13 23.88 22.69
C ASN A 62 0.70 22.74 21.87
N TRP A 63 0.06 22.45 20.72
CA TRP A 63 0.57 21.48 19.72
C TRP A 63 1.97 21.91 19.25
N ALA A 64 2.14 23.17 18.81
CA ALA A 64 3.43 23.67 18.29
C ALA A 64 4.55 23.41 19.31
N LYS A 65 4.29 23.70 20.59
CA LYS A 65 5.30 23.53 21.67
C LYS A 65 5.72 22.07 21.79
N ARG A 66 4.90 21.12 21.34
CA ARG A 66 5.22 19.67 21.44
C ARG A 66 5.80 19.12 20.14
N VAL A 67 5.94 19.94 19.10
CA VAL A 67 6.61 19.51 17.83
C VAL A 67 8.11 19.51 18.11
N PRO A 68 8.79 18.34 18.02
CA PRO A 68 10.21 18.26 18.39
C PRO A 68 11.03 19.36 17.71
N GLY A 69 11.79 20.12 18.51
CA GLY A 69 12.72 21.14 18.00
C GLY A 69 12.15 22.54 18.06
N PHE A 70 10.81 22.68 18.12
CA PHE A 70 10.14 23.99 18.04
C PHE A 70 10.55 24.83 19.27
N VAL A 71 10.53 24.27 20.48
CA VAL A 71 10.85 25.06 21.71
C VAL A 71 12.35 25.30 21.83
N ASP A 72 13.19 24.71 20.99
CA ASP A 72 14.65 25.04 20.94
C ASP A 72 14.84 26.43 20.35
N LEU A 73 13.87 26.96 19.62
CA LEU A 73 13.99 28.29 18.97
C LEU A 73 13.73 29.38 20.02
N THR A 74 14.13 30.61 19.72
CA THR A 74 13.81 31.80 20.56
C THR A 74 12.30 32.05 20.51
N SER A 75 11.74 32.70 21.52
CA SER A 75 10.30 33.04 21.58
C SER A 75 9.92 33.84 20.32
N HIS A 76 10.77 34.77 19.92
CA HIS A 76 10.57 35.61 18.73
C HIS A 76 10.46 34.73 17.47
N ASP A 77 11.37 33.78 17.28
CA ASP A 77 11.36 32.85 16.10
C ASP A 77 10.12 31.94 16.15
N GLN A 78 9.72 31.46 17.32
CA GLN A 78 8.47 30.65 17.50
C GLN A 78 7.26 31.46 17.01
N VAL A 79 7.16 32.71 17.42
CA VAL A 79 6.00 33.56 17.03
C VAL A 79 6.04 33.78 15.53
N HIS A 80 7.23 34.05 14.95
CA HIS A 80 7.39 34.29 13.51
C HIS A 80 6.87 33.07 12.73
N LEU A 81 7.23 31.86 13.15
CA LEU A 81 6.81 30.62 12.43
C LEU A 81 5.29 30.52 12.57
N LEU A 82 4.72 30.77 13.74
CA LEU A 82 3.25 30.69 13.93
C LEU A 82 2.53 31.77 13.13
N GLU A 83 3.05 33.00 13.07
CA GLU A 83 2.42 34.07 12.27
C GLU A 83 2.28 33.62 10.82
N YCM A 84 3.33 32.96 10.31
CA YCM A 84 3.37 32.60 8.91
CB YCM A 84 4.82 32.35 8.51
SG YCM A 84 5.90 33.81 8.46
CD YCM A 84 5.16 34.89 7.20
CE YCM A 84 4.86 34.15 5.93
OZ1 YCM A 84 3.68 34.01 5.57
NZ2 YCM A 84 5.90 33.69 5.27
C YCM A 84 2.55 31.34 8.62
O YCM A 84 2.05 31.20 7.50
N ALA A 85 2.38 30.44 9.60
CA ALA A 85 1.80 29.12 9.36
C ALA A 85 0.35 28.99 9.85
N TRP A 86 -0.18 29.86 10.71
CA TRP A 86 -1.41 29.53 11.47
C TRP A 86 -2.56 29.17 10.50
N LEU A 87 -2.79 29.96 9.45
CA LEU A 87 -3.95 29.70 8.58
C LEU A 87 -3.74 28.42 7.75
N GLU A 88 -2.52 28.16 7.28
CA GLU A 88 -2.19 26.90 6.60
C GLU A 88 -2.46 25.70 7.52
N ILE A 89 -2.09 25.80 8.79
CA ILE A 89 -2.31 24.74 9.82
C ILE A 89 -3.81 24.54 10.05
N LEU A 90 -4.57 25.62 10.19
CA LEU A 90 -6.04 25.50 10.34
C LEU A 90 -6.60 24.83 9.08
N MET A 91 -6.14 25.25 7.89
CA MET A 91 -6.67 24.72 6.62
C MET A 91 -6.31 23.24 6.45
N ILE A 92 -5.09 22.79 6.74
CA ILE A 92 -4.77 21.35 6.52
C ILE A 92 -5.58 20.51 7.51
N GLY A 93 -5.85 21.04 8.71
CA GLY A 93 -6.73 20.37 9.68
C GLY A 93 -8.12 20.17 9.10
N LEU A 94 -8.68 21.23 8.53
CA LEU A 94 -10.04 21.21 7.94
C LEU A 94 -10.09 20.17 6.81
N VAL A 95 -9.10 20.18 5.93
CA VAL A 95 -9.04 19.25 4.76
C VAL A 95 -8.97 17.80 5.28
N TRP A 96 -8.14 17.53 6.30
CA TRP A 96 -8.02 16.21 6.96
C TRP A 96 -9.37 15.74 7.51
N ARG A 97 -10.05 16.59 8.27
CA ARG A 97 -11.37 16.29 8.91
C ARG A 97 -12.43 16.02 7.84
N SER A 98 -12.30 16.64 6.67
CA SER A 98 -13.32 16.64 5.60
C SER A 98 -13.11 15.47 4.64
N MET A 99 -11.98 14.75 4.75
CA MET A 99 -11.61 13.68 3.79
C MET A 99 -12.77 12.71 3.56
N GLU A 100 -13.41 12.24 4.62
N GLU A 100 -13.41 12.24 4.62
CA GLU A 100 -14.45 11.19 4.59
CA GLU A 100 -14.45 11.17 4.56
C GLU A 100 -15.84 11.79 4.28
C GLU A 100 -15.84 11.79 4.28
N HIS A 101 -15.92 13.08 3.94
CA HIS A 101 -17.18 13.79 3.61
C HIS A 101 -17.07 14.45 2.23
N PRO A 102 -17.01 13.67 1.14
CA PRO A 102 -16.87 14.22 -0.20
C PRO A 102 -17.89 15.36 -0.47
N GLY A 103 -17.42 16.47 -1.04
CA GLY A 103 -18.26 17.63 -1.42
C GLY A 103 -18.59 18.52 -0.23
N LYS A 104 -18.08 18.22 0.97
CA LYS A 104 -18.41 19.01 2.20
C LYS A 104 -17.13 19.33 2.98
N LEU A 105 -17.18 20.41 3.74
CA LEU A 105 -16.10 20.81 4.68
C LEU A 105 -16.61 20.66 6.10
N LEU A 106 -15.99 19.77 6.86
CA LEU A 106 -16.33 19.51 8.28
C LEU A 106 -15.52 20.51 9.11
N PHE A 107 -16.01 21.75 9.23
CA PHE A 107 -15.41 22.80 10.08
C PHE A 107 -15.34 22.30 11.53
N ALA A 108 -16.43 21.63 11.94
CA ALA A 108 -16.60 21.01 13.26
C ALA A 108 -17.58 19.85 13.13
N PRO A 109 -17.61 18.90 14.08
CA PRO A 109 -18.56 17.79 14.01
C PRO A 109 -20.02 18.28 13.89
N ASN A 110 -20.29 19.50 14.36
CA ASN A 110 -21.65 20.12 14.35
C ASN A 110 -21.72 21.24 13.30
N LEU A 111 -20.73 21.36 12.41
CA LEU A 111 -20.73 22.40 11.35
C LEU A 111 -20.12 21.81 10.07
N LEU A 112 -20.94 21.05 9.34
CA LEU A 112 -20.64 20.37 8.07
C LEU A 112 -21.30 21.15 6.93
N LEU A 113 -20.50 21.81 6.09
CA LEU A 113 -21.00 22.77 5.06
C LEU A 113 -20.72 22.24 3.66
N ASP A 114 -21.69 22.34 2.76
CA ASP A 114 -21.51 22.02 1.31
C ASP A 114 -21.26 23.33 0.57
N ARG A 115 -20.90 23.23 -0.71
CA ARG A 115 -20.37 24.34 -1.56
C ARG A 115 -21.29 25.56 -1.51
N ASN A 116 -22.61 25.36 -1.59
CA ASN A 116 -23.62 26.45 -1.69
C ASN A 116 -23.56 27.36 -0.46
N GLN A 117 -23.26 26.82 0.72
CA GLN A 117 -23.25 27.56 2.02
C GLN A 117 -22.01 28.45 2.09
N GLY A 118 -21.00 28.21 1.24
CA GLY A 118 -19.78 29.04 1.15
C GLY A 118 -20.06 30.41 0.55
N LYS A 119 -21.16 30.53 -0.19
CA LYS A 119 -21.57 31.73 -0.97
C LYS A 119 -22.04 32.85 -0.03
N YCM A 120 -22.33 32.53 1.23
CA YCM A 120 -22.80 33.49 2.26
CB YCM A 120 -23.10 32.78 3.57
SG YCM A 120 -24.43 31.55 3.42
C YCM A 120 -21.77 34.59 2.49
O YCM A 120 -22.14 35.63 3.04
N VAL A 121 -20.51 34.37 2.11
CA VAL A 121 -19.43 35.39 2.27
C VAL A 121 -18.70 35.49 0.93
N GLU A 122 -18.94 36.51 0.10
CA GLU A 122 -18.13 36.78 -1.13
C GLU A 122 -16.74 37.21 -0.67
N GLY A 123 -15.65 36.61 -1.17
CA GLY A 123 -15.59 35.66 -2.27
C GLY A 123 -15.05 34.32 -1.78
N MET A 124 -15.73 33.76 -0.77
CA MET A 124 -15.27 32.60 0.03
C MET A 124 -15.63 31.28 -0.62
N VAL A 125 -16.51 31.19 -1.64
CA VAL A 125 -16.81 29.91 -2.37
C VAL A 125 -15.58 29.50 -3.19
N GLU A 126 -14.79 30.47 -3.66
CA GLU A 126 -13.54 30.22 -4.40
C GLU A 126 -12.61 29.36 -3.53
N ILE A 127 -12.38 29.77 -2.29
CA ILE A 127 -11.49 29.07 -1.33
C ILE A 127 -12.13 27.74 -0.91
N PHE A 128 -13.44 27.75 -0.66
CA PHE A 128 -14.22 26.52 -0.40
C PHE A 128 -13.90 25.45 -1.46
N ASP A 129 -13.97 25.82 -2.74
CA ASP A 129 -13.72 24.87 -3.85
C ASP A 129 -12.28 24.38 -3.78
N MET A 130 -11.32 25.27 -3.50
CA MET A 130 -9.90 24.86 -3.41
C MET A 130 -9.71 23.89 -2.25
N LEU A 131 -10.40 24.10 -1.11
CA LEU A 131 -10.28 23.22 0.07
C LEU A 131 -10.88 21.84 -0.25
N LEU A 132 -12.05 21.82 -0.89
CA LEU A 132 -12.73 20.59 -1.37
C LEU A 132 -11.82 19.82 -2.34
N ALA A 133 -11.12 20.52 -3.26
CA ALA A 133 -10.15 19.90 -4.20
C ALA A 133 -9.02 19.24 -3.42
N THR A 134 -8.51 19.89 -2.37
CA THR A 134 -7.41 19.35 -1.53
C THR A 134 -7.89 18.10 -0.79
N SER A 135 -9.10 18.14 -0.19
CA SER A 135 -9.70 16.99 0.51
C SER A 135 -9.82 15.80 -0.45
N SER A 136 -10.24 16.05 -1.70
CA SER A 136 -10.32 15.01 -2.77
C SER A 136 -8.94 14.43 -3.09
N ARG A 137 -7.92 15.30 -3.21
CA ARG A 137 -6.54 14.85 -3.49
C ARG A 137 -6.05 13.94 -2.34
N PHE A 138 -6.28 14.32 -1.08
CA PHE A 138 -5.87 13.50 0.09
C PHE A 138 -6.59 12.15 0.05
N ARG A 139 -7.89 12.15 -0.25
CA ARG A 139 -8.69 10.90 -0.34
C ARG A 139 -8.10 10.01 -1.46
N MET A 140 -7.80 10.58 -2.63
CA MET A 140 -7.21 9.87 -3.78
C MET A 140 -5.87 9.23 -3.38
N MET A 141 -5.03 9.97 -2.64
CA MET A 141 -3.70 9.48 -2.20
C MET A 141 -3.79 8.51 -1.02
N ASN A 142 -4.98 8.34 -0.42
CA ASN A 142 -5.16 7.57 0.84
C ASN A 142 -4.20 8.10 1.91
N LEU A 143 -4.20 9.40 2.15
CA LEU A 143 -3.28 10.02 3.13
C LEU A 143 -3.54 9.36 4.49
N GLN A 144 -2.47 8.94 5.17
CA GLN A 144 -2.51 8.27 6.49
C GLN A 144 -2.32 9.31 7.60
N GLY A 145 -2.90 9.05 8.77
CA GLY A 145 -2.78 9.92 9.96
C GLY A 145 -1.32 10.22 10.27
N GLU A 146 -0.44 9.23 10.19
CA GLU A 146 1.01 9.38 10.53
C GLU A 146 1.66 10.34 9.53
N GLU A 147 1.23 10.31 8.26
CA GLU A 147 1.70 11.24 7.20
C GLU A 147 1.16 12.66 7.45
N PHE A 148 -0.14 12.77 7.74
CA PHE A 148 -0.81 14.06 8.02
C PHE A 148 -0.06 14.82 9.13
N VAL A 149 0.29 14.17 10.25
CA VAL A 149 0.93 14.89 11.39
C VAL A 149 2.33 15.35 10.95
N CYS A 150 3.04 14.56 10.14
CA CYS A 150 4.35 14.98 9.56
C CYS A 150 4.17 16.24 8.71
N LEU A 151 3.18 16.25 7.84
CA LEU A 151 2.93 17.37 6.91
C LEU A 151 2.58 18.64 7.69
N LYS A 152 1.76 18.50 8.73
CA LYS A 152 1.36 19.68 9.53
C LYS A 152 2.61 20.25 10.19
N SER A 153 3.51 19.41 10.71
CA SER A 153 4.76 19.88 11.35
C SER A 153 5.68 20.53 10.32
N ILE A 154 5.70 20.04 9.09
CA ILE A 154 6.54 20.67 8.03
C ILE A 154 6.01 22.09 7.75
N ILE A 155 4.71 22.26 7.68
CA ILE A 155 4.09 23.62 7.45
C ILE A 155 4.57 24.56 8.56
N LEU A 156 4.50 24.12 9.82
CA LEU A 156 4.89 24.96 10.97
C LEU A 156 6.35 25.40 10.79
N LEU A 157 7.26 24.47 10.49
CA LEU A 157 8.72 24.76 10.45
C LEU A 157 9.12 25.45 9.16
N ASN A 158 8.47 25.14 8.03
CA ASN A 158 8.88 25.62 6.69
C ASN A 158 8.31 26.99 6.35
N SER A 159 7.07 27.29 6.77
CA SER A 159 6.33 28.43 6.19
C SER A 159 7.08 29.74 6.45
N GLY A 160 7.70 29.89 7.62
CA GLY A 160 8.32 31.15 8.06
C GLY A 160 9.84 31.14 8.01
N VAL A 161 10.47 30.03 7.60
CA VAL A 161 11.93 29.83 7.78
C VAL A 161 12.72 30.72 6.81
N TYR A 162 12.18 31.03 5.63
CA TYR A 162 12.89 31.78 4.56
C TYR A 162 12.74 33.29 4.78
N THR A 163 12.05 33.72 5.84
CA THR A 163 11.81 35.15 6.16
C THR A 163 12.32 35.49 7.58
N PHE A 164 13.26 34.70 8.10
CA PHE A 164 14.29 35.15 9.08
C PHE A 164 15.53 35.62 8.28
N LEU A 165 15.68 36.93 8.06
CA LEU A 165 16.70 37.49 7.13
C LEU A 165 17.99 37.85 7.88
N SER A 166 18.00 37.71 9.21
CA SER A 166 19.03 38.23 10.15
C SER A 166 20.43 37.66 9.84
N SER A 167 21.47 38.43 10.20
CA SER A 167 22.90 38.17 9.93
C SER A 167 23.66 37.89 11.23
N THR A 168 22.98 37.52 12.32
CA THR A 168 23.66 37.05 13.56
C THR A 168 24.03 35.58 13.39
N LEU A 169 25.04 35.12 14.13
CA LEU A 169 25.41 33.67 14.22
C LEU A 169 24.20 32.90 14.77
N LYS A 170 23.50 33.48 15.75
CA LYS A 170 22.33 32.81 16.40
C LYS A 170 21.25 32.55 15.36
N SER A 171 20.94 33.52 14.48
CA SER A 171 19.90 33.39 13.42
C SER A 171 20.31 32.28 12.44
N LEU A 172 21.59 32.23 12.05
CA LEU A 172 22.12 31.15 11.17
C LEU A 172 21.92 29.79 11.86
N GLU A 173 22.26 29.70 13.14
CA GLU A 173 22.13 28.46 13.95
C GLU A 173 20.65 28.07 14.06
N GLU A 174 19.74 29.04 14.23
CA GLU A 174 18.26 28.82 14.30
C GLU A 174 17.79 28.21 12.97
N LYS A 175 18.17 28.84 11.85
CA LYS A 175 17.77 28.42 10.48
C LYS A 175 18.32 27.00 10.25
N ASP A 176 19.57 26.74 10.64
CA ASP A 176 20.24 25.43 10.44
C ASP A 176 19.46 24.36 11.22
N HIS A 177 19.12 24.67 12.48
CA HIS A 177 18.34 23.78 13.38
C HIS A 177 17.00 23.42 12.72
N ILE A 178 16.28 24.40 12.20
CA ILE A 178 14.99 24.16 11.52
C ILE A 178 15.19 23.24 10.31
N HIS A 179 16.22 23.46 9.50
CA HIS A 179 16.44 22.63 8.29
C HIS A 179 16.78 21.20 8.72
N ARG A 180 17.49 21.01 9.83
CA ARG A 180 17.83 19.67 10.36
C ARG A 180 16.58 18.96 10.88
N VAL A 181 15.66 19.69 11.53
CA VAL A 181 14.40 19.07 12.03
C VAL A 181 13.57 18.67 10.80
N LEU A 182 13.52 19.54 9.79
CA LEU A 182 12.76 19.26 8.54
C LEU A 182 13.29 17.99 7.88
N ASP A 183 14.63 17.83 7.85
CA ASP A 183 15.30 16.61 7.32
C ASP A 183 14.86 15.39 8.12
N LYS A 184 14.80 15.48 9.45
CA LYS A 184 14.35 14.35 10.29
C LYS A 184 12.88 14.03 9.96
N ILE A 185 12.03 15.01 9.72
CA ILE A 185 10.61 14.73 9.37
C ILE A 185 10.58 14.05 7.98
N THR A 186 11.40 14.48 7.02
CA THR A 186 11.54 13.80 5.71
C THR A 186 11.90 12.33 5.92
N ASP A 187 12.94 12.06 6.74
CA ASP A 187 13.38 10.68 7.06
C ASP A 187 12.20 9.90 7.64
N THR A 188 11.41 10.55 8.50
CA THR A 188 10.26 9.90 9.18
C THR A 188 9.21 9.54 8.13
N LEU A 189 8.87 10.44 7.22
CA LEU A 189 7.89 10.15 6.13
C LEU A 189 8.38 8.94 5.31
N ILE A 190 9.65 8.95 4.91
CA ILE A 190 10.24 7.86 4.09
C ILE A 190 10.16 6.56 4.89
N HIS A 191 10.50 6.61 6.18
CA HIS A 191 10.47 5.42 7.07
C HIS A 191 9.06 4.83 7.06
N LEU A 192 8.03 5.66 7.25
CA LEU A 192 6.60 5.22 7.28
C LEU A 192 6.27 4.51 5.97
N MET A 193 6.70 5.09 4.84
CA MET A 193 6.41 4.53 3.48
C MET A 193 7.17 3.20 3.31
N ALA A 194 8.43 3.12 3.72
CA ALA A 194 9.26 1.91 3.62
C ALA A 194 8.63 0.81 4.49
N LYS A 195 8.16 1.16 5.69
CA LYS A 195 7.48 0.23 6.63
C LYS A 195 6.21 -0.31 6.00
N ALA A 196 5.48 0.52 5.25
CA ALA A 196 4.19 0.17 4.61
C ALA A 196 4.45 -0.75 3.41
N GLY A 197 5.71 -0.88 2.96
CA GLY A 197 6.13 -1.81 1.89
C GLY A 197 6.24 -1.14 0.52
N LEU A 198 6.22 0.19 0.44
CA LEU A 198 6.42 0.90 -0.86
C LEU A 198 7.86 0.68 -1.34
N THR A 199 8.05 0.52 -2.66
CA THR A 199 9.38 0.47 -3.31
C THR A 199 10.08 1.83 -3.13
N LEU A 200 11.39 1.88 -3.29
CA LEU A 200 12.17 3.14 -3.30
C LEU A 200 11.54 4.14 -4.27
N GLN A 201 11.20 3.71 -5.49
CA GLN A 201 10.61 4.60 -6.52
C GLN A 201 9.28 5.13 -6.00
N GLN A 202 8.42 4.26 -5.47
CA GLN A 202 7.10 4.67 -4.91
C GLN A 202 7.32 5.63 -3.73
N GLN A 203 8.33 5.38 -2.90
CA GLN A 203 8.60 6.25 -1.72
C GLN A 203 8.93 7.66 -2.19
N HIS A 204 9.83 7.83 -3.16
CA HIS A 204 10.24 9.19 -3.62
C HIS A 204 9.03 9.86 -4.29
N GLN A 205 8.25 9.11 -5.08
CA GLN A 205 7.10 9.68 -5.82
C GLN A 205 6.08 10.18 -4.80
N ARG A 206 5.77 9.39 -3.77
CA ARG A 206 4.75 9.76 -2.75
C ARG A 206 5.23 10.94 -1.90
N LEU A 207 6.52 10.96 -1.50
CA LEU A 207 7.14 12.11 -0.80
C LEU A 207 6.90 13.37 -1.61
N ALA A 208 7.18 13.34 -2.92
CA ALA A 208 7.05 14.54 -3.78
C ALA A 208 5.57 14.93 -3.91
N GLN A 209 4.68 13.97 -4.07
CA GLN A 209 3.24 14.27 -4.22
C GLN A 209 2.74 14.97 -2.93
N LEU A 210 3.15 14.50 -1.77
CA LEU A 210 2.70 15.11 -0.49
C LEU A 210 3.22 16.54 -0.37
N LEU A 211 4.50 16.75 -0.66
CA LEU A 211 5.12 18.08 -0.46
C LEU A 211 4.57 19.08 -1.48
N LEU A 212 4.25 18.64 -2.71
CA LEU A 212 3.70 19.55 -3.75
C LEU A 212 2.32 20.04 -3.33
N ILE A 213 1.55 19.24 -2.57
CA ILE A 213 0.22 19.71 -2.08
C ILE A 213 0.43 20.85 -1.08
N LEU A 214 1.57 20.89 -0.37
CA LEU A 214 1.89 22.00 0.56
C LEU A 214 1.95 23.34 -0.19
N SER A 215 2.40 23.36 -1.44
CA SER A 215 2.36 24.58 -2.28
C SER A 215 0.91 25.05 -2.48
N HIS A 216 -0.02 24.11 -2.70
CA HIS A 216 -1.45 24.45 -2.88
C HIS A 216 -2.03 25.00 -1.55
N ILE A 217 -1.67 24.41 -0.42
CA ILE A 217 -2.16 24.92 0.90
C ILE A 217 -1.63 26.34 1.13
N ARG A 218 -0.38 26.61 0.77
CA ARG A 218 0.19 27.97 0.88
C ARG A 218 -0.68 28.92 0.06
N HIS A 219 -1.01 28.53 -1.17
CA HIS A 219 -1.82 29.33 -2.14
C HIS A 219 -3.18 29.65 -1.51
N MET A 220 -3.84 28.63 -0.98
CA MET A 220 -5.16 28.81 -0.32
C MET A 220 -5.03 29.79 0.86
N SER A 221 -3.99 29.65 1.67
CA SER A 221 -3.76 30.51 2.85
C SER A 221 -3.61 31.97 2.39
N ASN A 222 -2.82 32.20 1.34
CA ASN A 222 -2.57 33.55 0.80
C ASN A 222 -3.89 34.11 0.26
N LYS A 223 -4.66 33.32 -0.47
CA LYS A 223 -5.95 33.75 -1.09
C LYS A 223 -6.89 34.15 0.03
N GLY A 224 -6.97 33.30 1.07
CA GLY A 224 -7.78 33.54 2.27
C GLY A 224 -7.48 34.89 2.89
N MET A 225 -6.19 35.15 3.13
CA MET A 225 -5.69 36.43 3.70
C MET A 225 -6.09 37.60 2.78
N GLU A 226 -5.92 37.45 1.47
CA GLU A 226 -6.22 38.47 0.43
C GLU A 226 -7.71 38.80 0.44
N HIS A 227 -8.57 37.79 0.66
CA HIS A 227 -10.04 37.96 0.65
C HIS A 227 -10.49 38.60 1.97
N LEU A 228 -9.88 38.20 3.10
CA LEU A 228 -10.16 38.80 4.45
C LEU A 228 -9.95 40.31 4.35
N TYR A 229 -8.81 40.73 3.80
CA TYR A 229 -8.41 42.15 3.69
C TYR A 229 -9.44 42.89 2.82
N SER A 230 -9.77 42.35 1.64
CA SER A 230 -10.77 42.93 0.70
C SER A 230 -12.13 43.10 1.37
N VAL A 236 -8.93 40.38 13.23
CA VAL A 236 -9.30 38.93 13.18
C VAL A 236 -8.03 38.06 13.07
N VAL A 237 -6.98 38.55 12.41
CA VAL A 237 -5.66 37.85 12.34
C VAL A 237 -5.00 37.94 13.72
N PRO A 238 -4.53 36.82 14.32
CA PRO A 238 -3.87 36.88 15.62
C PRO A 238 -2.58 37.72 15.62
N SER A 239 -2.45 38.64 16.56
CA SER A 239 -1.34 39.63 16.65
C SER A 239 -0.08 38.94 17.15
N TYR A 240 1.08 39.54 16.90
CA TYR A 240 2.35 39.11 17.51
C TYR A 240 2.19 38.93 19.02
N ASP A 241 1.60 39.95 19.66
CA ASP A 241 1.43 39.98 21.14
C ASP A 241 0.55 38.83 21.61
N LEU A 242 -0.53 38.52 20.90
CA LEU A 242 -1.47 37.43 21.34
C LEU A 242 -0.70 36.10 21.25
N LEU A 243 0.03 35.88 20.15
CA LEU A 243 0.79 34.62 19.96
C LEU A 243 1.87 34.50 21.04
N LEU A 244 2.57 35.59 21.34
CA LEU A 244 3.64 35.57 22.37
C LEU A 244 3.04 35.25 23.74
N GLU A 245 1.93 35.89 24.11
CA GLU A 245 1.23 35.63 25.40
C GLU A 245 0.84 34.15 25.46
N MET A 246 0.28 33.62 24.38
CA MET A 246 -0.18 32.20 24.35
C MET A 246 1.02 31.24 24.49
N LEU A 247 2.13 31.52 23.80
CA LEU A 247 3.39 30.73 23.91
C LEU A 247 3.90 30.74 25.36
N ASP A 248 3.88 31.90 26.00
CA ASP A 248 4.42 32.09 27.38
C ASP A 248 3.49 31.40 28.40
N ALA A 249 2.18 31.39 28.15
CA ALA A 249 1.17 30.73 29.00
C ALA A 249 1.33 31.18 30.46
N HIS A 250 1.49 32.48 30.69
CA HIS A 250 1.57 33.10 32.04
C HIS A 250 0.19 33.05 32.72
N ARG A 251 0.18 32.83 34.04
CA ARG A 251 -1.03 32.81 34.88
C ARG A 251 -1.76 34.15 34.73
N LEU A 252 -3.08 34.08 34.50
CA LEU A 252 -3.99 35.23 34.32
C LEU A 252 -4.42 35.73 35.70
N HIS A 253 -4.57 37.05 35.87
CA HIS A 253 -5.20 37.70 37.05
C HIS A 253 -6.70 37.38 37.02
N ALA A 254 -7.29 37.03 38.18
CA ALA A 254 -8.71 36.66 38.32
C ALA A 254 -9.60 37.77 37.75
N PRO A 255 -10.73 37.42 37.09
CA PRO A 255 -11.73 38.42 36.68
C PRO A 255 -12.25 39.26 37.85
N SER B 8 1.58 8.51 -23.93
CA SER B 8 2.42 9.66 -24.37
C SER B 8 3.91 9.28 -24.34
N LEU B 9 4.68 9.72 -25.34
CA LEU B 9 6.14 9.49 -25.42
C LEU B 9 6.83 10.14 -24.22
N ALA B 10 6.21 11.13 -23.57
CA ALA B 10 6.73 11.80 -22.35
C ALA B 10 6.91 10.79 -21.22
N LEU B 11 5.97 9.87 -21.03
CA LEU B 11 6.03 8.88 -19.92
C LEU B 11 7.06 7.80 -20.22
N SER B 12 7.61 7.76 -21.44
CA SER B 12 8.63 6.76 -21.85
C SER B 12 10.05 7.33 -21.65
N LEU B 13 10.18 8.63 -21.37
CA LEU B 13 11.53 9.28 -21.34
C LEU B 13 12.35 8.75 -20.17
N THR B 14 13.66 8.57 -20.39
CA THR B 14 14.62 8.31 -19.30
C THR B 14 14.86 9.65 -18.58
N ALA B 15 15.42 9.59 -17.37
CA ALA B 15 15.87 10.80 -16.62
C ALA B 15 16.81 11.62 -17.50
N ASP B 16 17.77 10.99 -18.18
CA ASP B 16 18.73 11.70 -19.07
C ASP B 16 18.01 12.38 -20.23
N GLN B 17 17.02 11.74 -20.87
CA GLN B 17 16.26 12.35 -21.99
C GLN B 17 15.44 13.53 -21.47
N MET B 18 14.83 13.40 -20.29
CA MET B 18 14.02 14.47 -19.68
C MET B 18 14.92 15.68 -19.44
N VAL B 19 16.08 15.48 -18.82
CA VAL B 19 17.04 16.60 -18.53
C VAL B 19 17.45 17.24 -19.86
N SER B 20 17.82 16.44 -20.88
CA SER B 20 18.24 16.95 -22.22
C SER B 20 17.13 17.79 -22.84
N ALA B 21 15.88 17.31 -22.78
CA ALA B 21 14.70 18.04 -23.31
C ALA B 21 14.59 19.41 -22.62
N LEU B 22 14.62 19.41 -21.29
CA LEU B 22 14.44 20.63 -20.47
C LEU B 22 15.60 21.59 -20.71
N LEU B 23 16.85 21.11 -20.76
CA LEU B 23 18.02 22.00 -21.03
C LEU B 23 17.86 22.64 -22.42
N ASP B 24 17.47 21.89 -23.44
CA ASP B 24 17.27 22.39 -24.83
C ASP B 24 16.14 23.43 -24.89
N ALA B 25 15.10 23.28 -24.07
CA ALA B 25 13.89 24.14 -24.07
C ALA B 25 14.17 25.46 -23.32
N GLU B 26 15.28 25.56 -22.59
CA GLU B 26 15.61 26.75 -21.73
C GLU B 26 15.53 28.01 -22.56
N PRO B 27 14.82 29.06 -22.08
CA PRO B 27 14.89 30.37 -22.70
C PRO B 27 16.26 31.01 -22.49
N PRO B 28 16.64 31.96 -23.36
CA PRO B 28 17.83 32.76 -23.12
C PRO B 28 17.59 33.74 -21.97
N ILE B 29 18.66 34.29 -21.41
CA ILE B 29 18.58 35.43 -20.47
C ILE B 29 18.43 36.68 -21.33
N LEU B 30 17.35 37.42 -21.14
CA LEU B 30 17.03 38.61 -21.93
C LEU B 30 17.63 39.83 -21.25
N TYR B 31 17.90 40.86 -22.05
CA TYR B 31 18.34 42.19 -21.57
C TYR B 31 17.14 43.12 -21.46
N SER B 32 17.22 44.08 -20.52
CA SER B 32 16.31 45.24 -20.47
C SER B 32 16.63 46.17 -21.65
N GLU B 33 15.67 47.03 -22.02
CA GLU B 33 15.85 48.02 -23.11
C GLU B 33 16.55 49.29 -22.56
N TYR B 34 17.13 49.19 -21.35
CA TYR B 34 17.98 50.24 -20.72
C TYR B 34 19.12 50.61 -21.67
N ASP B 35 19.11 51.82 -22.25
CA ASP B 35 20.17 52.32 -23.19
C ASP B 35 21.32 52.89 -22.36
N PRO B 36 22.49 52.21 -22.32
CA PRO B 36 23.54 52.57 -21.39
C PRO B 36 24.20 53.92 -21.75
N THR B 37 24.02 54.42 -22.98
CA THR B 37 24.55 55.74 -23.41
C THR B 37 23.68 56.87 -22.83
N ARG B 38 22.56 56.54 -22.20
CA ARG B 38 21.53 57.52 -21.75
C ARG B 38 21.50 57.53 -20.22
N PRO B 39 21.17 58.67 -19.56
CA PRO B 39 21.17 58.75 -18.10
C PRO B 39 20.11 57.87 -17.44
N PHE B 40 20.32 57.51 -16.17
CA PHE B 40 19.55 56.49 -15.41
C PHE B 40 18.13 56.97 -15.12
N SER B 41 17.95 58.29 -14.98
CA SER B 41 16.67 58.93 -14.59
C SER B 41 15.69 58.96 -15.76
N GLU B 42 16.16 58.78 -17.00
CA GLU B 42 15.29 58.53 -18.18
C GLU B 42 14.53 57.21 -17.98
N ALA B 43 15.22 56.19 -17.47
CA ALA B 43 14.69 54.81 -17.28
C ALA B 43 13.73 54.76 -16.08
N SER B 44 12.56 54.17 -16.28
CA SER B 44 11.54 53.86 -15.22
C SER B 44 11.60 52.37 -14.84
N MET B 45 11.61 52.08 -13.53
CA MET B 45 11.93 50.73 -13.02
C MET B 45 10.79 49.77 -13.40
N MET B 46 9.55 50.15 -13.08
CA MET B 46 8.36 49.33 -13.42
C MET B 46 8.24 49.24 -14.95
N GLY B 47 8.54 50.33 -15.67
CA GLY B 47 8.54 50.36 -17.14
C GLY B 47 9.46 49.29 -17.71
N LEU B 48 10.71 49.24 -17.24
CA LEU B 48 11.76 48.30 -17.72
C LEU B 48 11.33 46.87 -17.39
N LEU B 49 10.88 46.62 -16.17
CA LEU B 49 10.53 45.26 -15.71
C LEU B 49 9.31 44.77 -16.47
N THR B 50 8.30 45.63 -16.72
CA THR B 50 7.10 45.24 -17.50
C THR B 50 7.52 44.82 -18.91
N ASN B 51 8.34 45.66 -19.54
CA ASN B 51 8.85 45.38 -20.91
C ASN B 51 9.60 44.04 -20.92
N LEU B 52 10.47 43.82 -19.95
CA LEU B 52 11.25 42.56 -19.80
C LEU B 52 10.28 41.37 -19.61
N ALA B 53 9.32 41.47 -18.66
CA ALA B 53 8.38 40.36 -18.35
C ALA B 53 7.58 40.01 -19.60
N ASP B 54 7.10 41.01 -20.33
CA ASP B 54 6.32 40.83 -21.59
C ASP B 54 7.16 40.03 -22.61
N ARG B 55 8.44 40.34 -22.76
CA ARG B 55 9.33 39.61 -23.69
C ARG B 55 9.59 38.20 -23.16
N GLU B 56 9.81 38.06 -21.86
CA GLU B 56 10.00 36.74 -21.20
C GLU B 56 8.74 35.87 -21.39
N LEU B 57 7.54 36.46 -21.42
CA LEU B 57 6.29 35.66 -21.51
C LEU B 57 6.22 34.92 -22.86
N VAL B 58 6.64 35.56 -23.95
CA VAL B 58 6.64 34.94 -25.31
C VAL B 58 7.53 33.70 -25.26
N HIS B 59 8.73 33.82 -24.68
CA HIS B 59 9.68 32.70 -24.51
C HIS B 59 9.08 31.62 -23.61
N MET B 60 8.39 32.00 -22.53
CA MET B 60 7.81 31.01 -21.58
C MET B 60 6.77 30.15 -22.32
N ILE B 61 5.98 30.75 -23.20
CA ILE B 61 4.93 30.02 -23.96
C ILE B 61 5.62 28.93 -24.80
N ASN B 62 6.69 29.30 -25.49
CA ASN B 62 7.37 28.35 -26.42
C ASN B 62 8.12 27.31 -25.59
N TRP B 63 8.70 27.71 -24.44
CA TRP B 63 9.29 26.80 -23.44
C TRP B 63 8.24 25.78 -22.97
N ALA B 64 7.07 26.25 -22.52
CA ALA B 64 6.00 25.38 -21.98
C ALA B 64 5.66 24.28 -22.99
N LYS B 65 5.52 24.66 -24.26
CA LYS B 65 5.17 23.72 -25.34
C LYS B 65 6.26 22.64 -25.50
N ARG B 66 7.49 22.88 -25.03
CA ARG B 66 8.61 21.90 -25.14
C ARG B 66 8.79 21.10 -23.83
N VAL B 67 8.01 21.37 -22.78
CA VAL B 67 8.09 20.59 -21.52
C VAL B 67 7.38 19.25 -21.78
N PRO B 68 8.09 18.10 -21.69
CA PRO B 68 7.46 16.82 -22.01
C PRO B 68 6.09 16.64 -21.35
N GLY B 69 5.07 16.32 -22.17
CA GLY B 69 3.71 16.01 -21.70
C GLY B 69 2.77 17.20 -21.78
N PHE B 70 3.30 18.43 -21.84
CA PHE B 70 2.49 19.66 -21.73
C PHE B 70 1.55 19.76 -22.94
N VAL B 71 2.04 19.50 -24.16
CA VAL B 71 1.19 19.64 -25.38
C VAL B 71 0.22 18.45 -25.51
N ASP B 72 0.34 17.41 -24.68
CA ASP B 72 -0.67 16.32 -24.62
C ASP B 72 -1.97 16.85 -24.00
N LEU B 73 -1.93 17.96 -23.27
CA LEU B 73 -3.13 18.52 -22.60
C LEU B 73 -3.94 19.30 -23.63
N THR B 74 -5.21 19.56 -23.33
CA THR B 74 -6.11 20.44 -24.12
C THR B 74 -5.56 21.86 -24.04
N SER B 75 -5.89 22.70 -25.02
CA SER B 75 -5.54 24.15 -25.03
C SER B 75 -6.02 24.79 -23.73
N HIS B 76 -7.25 24.47 -23.30
CA HIS B 76 -7.87 25.01 -22.06
C HIS B 76 -6.95 24.69 -20.88
N ASP B 77 -6.53 23.43 -20.74
CA ASP B 77 -5.73 22.98 -19.57
C ASP B 77 -4.34 23.62 -19.63
N GLN B 78 -3.74 23.74 -20.82
CA GLN B 78 -2.44 24.43 -21.01
C GLN B 78 -2.54 25.87 -20.49
N VAL B 79 -3.59 26.59 -20.87
CA VAL B 79 -3.75 28.01 -20.48
C VAL B 79 -3.92 28.09 -18.97
N HIS B 80 -4.71 27.19 -18.40
CA HIS B 80 -4.99 27.20 -16.95
C HIS B 80 -3.67 27.02 -16.19
N LEU B 81 -2.81 26.08 -16.62
CA LEU B 81 -1.53 25.84 -15.92
C LEU B 81 -0.66 27.10 -16.07
N LEU B 82 -0.61 27.71 -17.26
CA LEU B 82 0.21 28.93 -17.47
C LEU B 82 -0.33 30.12 -16.66
N GLU B 83 -1.65 30.29 -16.59
CA GLU B 83 -2.26 31.39 -15.80
C GLU B 83 -1.81 31.27 -14.34
N YCM B 84 -1.76 30.04 -13.85
CA YCM B 84 -1.47 29.81 -12.44
CB YCM B 84 -1.99 28.48 -12.01
SG YCM B 84 -3.79 28.33 -11.98
CD YCM B 84 -4.21 28.93 -10.32
CE YCM B 84 -3.65 30.30 -10.05
OZ1 YCM B 84 -2.84 30.46 -9.15
NZ2 YCM B 84 -4.07 31.27 -10.84
C YCM B 84 0.04 29.90 -12.15
O YCM B 84 0.41 30.25 -11.02
N ALA B 85 0.90 29.60 -13.13
CA ALA B 85 2.33 29.46 -12.90
C ALA B 85 3.18 30.66 -13.37
N TRP B 86 2.68 31.55 -14.23
CA TRP B 86 3.58 32.47 -14.98
C TRP B 86 4.48 33.29 -14.03
N LEU B 87 3.96 33.85 -12.95
CA LEU B 87 4.79 34.76 -12.10
C LEU B 87 5.76 33.90 -11.28
N GLU B 88 5.35 32.73 -10.83
CA GLU B 88 6.27 31.77 -10.16
C GLU B 88 7.43 31.41 -11.08
N ILE B 89 7.15 31.17 -12.37
CA ILE B 89 8.18 30.83 -13.39
C ILE B 89 9.11 32.04 -13.59
N LEU B 90 8.57 33.24 -13.72
CA LEU B 90 9.40 34.47 -13.83
C LEU B 90 10.30 34.56 -12.58
N MET B 91 9.71 34.35 -11.41
CA MET B 91 10.45 34.52 -10.14
C MET B 91 11.54 33.46 -9.97
N ILE B 92 11.29 32.19 -10.31
CA ILE B 92 12.37 31.19 -10.10
C ILE B 92 13.49 31.47 -11.09
N GLY B 93 13.18 31.96 -12.29
CA GLY B 93 14.22 32.39 -13.24
C GLY B 93 15.09 33.50 -12.65
N LEU B 94 14.47 34.50 -12.04
CA LEU B 94 15.18 35.65 -11.44
C LEU B 94 16.12 35.15 -10.33
N VAL B 95 15.59 34.30 -9.46
CA VAL B 95 16.35 33.77 -8.29
C VAL B 95 17.55 32.96 -8.82
N TRP B 96 17.35 32.12 -9.84
CA TRP B 96 18.43 31.34 -10.50
C TRP B 96 19.51 32.27 -11.04
N ARG B 97 19.15 33.31 -11.79
CA ARG B 97 20.09 34.28 -12.41
C ARG B 97 20.87 35.04 -11.34
N SER B 98 20.28 35.23 -10.16
CA SER B 98 20.82 36.09 -9.08
C SER B 98 21.72 35.26 -8.15
N MET B 99 21.73 33.94 -8.27
CA MET B 99 22.43 33.03 -7.32
C MET B 99 23.88 33.50 -7.09
N GLU B 100 24.62 33.79 -8.16
CA GLU B 100 26.07 34.11 -8.11
C GLU B 100 26.30 35.60 -7.79
N HIS B 101 25.25 36.35 -7.44
CA HIS B 101 25.33 37.79 -7.07
C HIS B 101 24.73 38.02 -5.68
N PRO B 102 25.40 37.54 -4.60
CA PRO B 102 24.88 37.71 -3.25
C PRO B 102 24.43 39.15 -2.96
N GLY B 103 23.24 39.28 -2.36
CA GLY B 103 22.64 40.58 -1.98
C GLY B 103 22.07 41.36 -3.14
N LYS B 104 22.05 40.80 -4.36
CA LYS B 104 21.54 41.51 -5.56
C LYS B 104 20.58 40.62 -6.33
N LEU B 105 19.65 41.25 -7.05
CA LEU B 105 18.72 40.58 -7.99
C LEU B 105 19.09 40.99 -9.43
N LEU B 106 19.52 40.01 -10.20
CA LEU B 106 19.91 40.18 -11.63
C LEU B 106 18.63 40.02 -12.45
N PHE B 107 17.82 41.07 -12.52
CA PHE B 107 16.60 41.12 -13.37
C PHE B 107 17.01 40.84 -14.83
N ALA B 108 18.13 41.44 -15.22
CA ALA B 108 18.78 41.28 -16.54
C ALA B 108 20.28 41.54 -16.37
N PRO B 109 21.15 41.10 -17.30
CA PRO B 109 22.58 41.36 -17.13
C PRO B 109 22.86 42.87 -17.04
N ASN B 110 21.97 43.71 -17.56
CA ASN B 110 22.06 45.19 -17.55
C ASN B 110 21.05 45.80 -16.57
N LEU B 111 20.48 45.02 -15.66
CA LEU B 111 19.61 45.53 -14.57
C LEU B 111 19.86 44.68 -13.31
N LEU B 112 20.97 44.95 -12.62
CA LEU B 112 21.44 44.25 -11.39
C LEU B 112 21.19 45.19 -10.20
N LEU B 113 20.25 44.85 -9.32
CA LEU B 113 19.75 45.77 -8.26
C LEU B 113 20.07 45.19 -6.87
N ASP B 114 20.54 46.03 -5.94
CA ASP B 114 20.71 45.70 -4.52
C ASP B 114 19.49 46.19 -3.74
N ARG B 115 19.38 45.80 -2.47
CA ARG B 115 18.17 45.93 -1.63
C ARG B 115 17.71 47.39 -1.59
N ASN B 116 18.65 48.34 -1.43
CA ASN B 116 18.35 49.78 -1.22
C ASN B 116 17.58 50.34 -2.42
N GLN B 117 17.87 49.87 -3.65
CA GLN B 117 17.26 50.46 -4.88
C GLN B 117 15.84 49.89 -5.04
N GLY B 118 15.50 48.94 -4.16
CA GLY B 118 14.12 48.54 -3.86
C GLY B 118 13.70 48.99 -2.47
N MET B 124 7.33 46.42 -2.10
CA MET B 124 8.37 46.31 -3.16
C MET B 124 9.63 45.67 -2.54
N VAL B 125 10.16 46.28 -1.48
CA VAL B 125 11.38 45.80 -0.78
C VAL B 125 11.05 44.52 -0.03
N GLU B 126 9.79 44.36 0.42
CA GLU B 126 9.27 43.12 1.05
C GLU B 126 9.54 41.92 0.13
N ILE B 127 9.11 42.02 -1.13
CA ILE B 127 9.27 40.93 -2.13
C ILE B 127 10.75 40.79 -2.49
N PHE B 128 11.45 41.90 -2.66
CA PHE B 128 12.91 41.93 -2.90
C PHE B 128 13.61 41.03 -1.87
N ASP B 129 13.31 41.23 -0.57
CA ASP B 129 13.96 40.49 0.53
C ASP B 129 13.62 39.01 0.39
N MET B 130 12.36 38.68 0.08
CA MET B 130 11.97 37.25 -0.07
C MET B 130 12.73 36.62 -1.25
N LEU B 131 12.91 37.35 -2.34
CA LEU B 131 13.62 36.82 -3.54
C LEU B 131 15.09 36.61 -3.20
N LEU B 132 15.72 37.59 -2.54
CA LEU B 132 17.12 37.51 -2.06
C LEU B 132 17.30 36.31 -1.15
N ALA B 133 16.35 36.05 -0.23
CA ALA B 133 16.39 34.89 0.69
C ALA B 133 16.38 33.58 -0.12
N THR B 134 15.55 33.51 -1.15
CA THR B 134 15.43 32.30 -2.01
C THR B 134 16.75 32.09 -2.78
N SER B 135 17.32 33.15 -3.34
CA SER B 135 18.62 33.10 -4.05
C SER B 135 19.71 32.57 -3.11
N SER B 136 19.73 33.03 -1.86
CA SER B 136 20.69 32.58 -0.82
C SER B 136 20.48 31.10 -0.51
N ARG B 137 19.24 30.67 -0.38
CA ARG B 137 18.92 29.23 -0.13
C ARG B 137 19.47 28.38 -1.30
N PHE B 138 19.25 28.79 -2.55
CA PHE B 138 19.75 28.05 -3.75
C PHE B 138 21.28 28.01 -3.70
N ARG B 139 21.94 29.11 -3.36
CA ARG B 139 23.43 29.18 -3.25
C ARG B 139 23.90 28.22 -2.16
N MET B 140 23.26 28.21 -0.99
CA MET B 140 23.59 27.31 0.15
C MET B 140 23.45 25.85 -0.29
N MET B 141 22.41 25.52 -1.06
CA MET B 141 22.14 24.13 -1.52
C MET B 141 23.03 23.76 -2.71
N ASN B 142 23.76 24.71 -3.29
CA ASN B 142 24.53 24.51 -4.55
C ASN B 142 23.59 23.97 -5.64
N LEU B 143 22.46 24.63 -5.87
CA LEU B 143 21.46 24.17 -6.87
C LEU B 143 22.15 24.09 -8.23
N GLN B 144 21.98 22.97 -8.93
CA GLN B 144 22.58 22.68 -10.27
C GLN B 144 21.56 23.04 -11.35
N GLY B 145 22.05 23.45 -12.52
CA GLY B 145 21.19 23.81 -13.67
C GLY B 145 20.21 22.69 -14.01
N GLU B 146 20.63 21.44 -13.93
CA GLU B 146 19.78 20.26 -14.29
C GLU B 146 18.62 20.17 -13.28
N GLU B 147 18.88 20.51 -12.01
CA GLU B 147 17.84 20.54 -10.94
C GLU B 147 16.89 21.72 -11.17
N PHE B 148 17.45 22.90 -11.44
CA PHE B 148 16.66 24.12 -11.70
C PHE B 148 15.61 23.87 -12.80
N VAL B 149 15.99 23.27 -13.93
CA VAL B 149 15.02 23.12 -15.05
C VAL B 149 13.92 22.13 -14.63
N CYS B 150 14.25 21.10 -13.86
CA CYS B 150 13.22 20.18 -13.29
C CYS B 150 12.24 20.94 -12.39
N LEU B 151 12.74 21.81 -11.51
CA LEU B 151 11.88 22.58 -10.58
C LEU B 151 10.97 23.53 -11.35
N LYS B 152 11.50 24.19 -12.36
CA LYS B 152 10.68 25.13 -13.16
C LYS B 152 9.56 24.35 -13.88
N SER B 153 9.83 23.15 -14.39
CA SER B 153 8.79 22.30 -15.02
C SER B 153 7.76 21.82 -13.99
N ILE B 154 8.18 21.53 -12.77
CA ILE B 154 7.24 21.14 -11.69
C ILE B 154 6.27 22.29 -11.42
N ILE B 155 6.78 23.52 -11.34
CA ILE B 155 5.93 24.73 -11.10
C ILE B 155 4.87 24.80 -12.19
N LEU B 156 5.28 24.63 -13.45
CA LEU B 156 4.34 24.73 -14.59
C LEU B 156 3.22 23.69 -14.42
N LEU B 157 3.57 22.43 -14.13
CA LEU B 157 2.58 21.33 -14.12
C LEU B 157 1.79 21.31 -12.81
N ASN B 158 2.39 21.72 -11.69
CA ASN B 158 1.78 21.55 -10.34
C ASN B 158 0.89 22.75 -9.98
N SER B 159 1.25 23.98 -10.39
CA SER B 159 0.65 25.19 -9.76
C SER B 159 -0.86 25.21 -9.98
N GLY B 160 -1.33 24.76 -11.14
CA GLY B 160 -2.74 24.89 -11.56
C GLY B 160 -3.51 23.58 -11.48
N VAL B 161 -2.89 22.48 -11.05
CA VAL B 161 -3.48 21.11 -11.25
C VAL B 161 -4.63 20.88 -10.26
N TYR B 162 -4.60 21.49 -9.08
CA TYR B 162 -5.58 21.29 -7.98
C TYR B 162 -6.76 22.25 -8.18
N THR B 163 -6.77 23.07 -9.24
CA THR B 163 -7.85 24.08 -9.46
C THR B 163 -8.50 23.90 -10.84
N PHE B 164 -8.39 22.73 -11.48
CA PHE B 164 -9.21 22.39 -12.67
C PHE B 164 -10.70 22.33 -12.28
N LYS B 170 -12.62 13.94 -19.47
CA LYS B 170 -11.36 14.49 -20.05
C LYS B 170 -10.51 15.12 -18.94
N SER B 171 -11.13 15.89 -18.04
CA SER B 171 -10.46 16.60 -16.92
C SER B 171 -9.77 15.59 -15.99
N LEU B 172 -10.44 14.49 -15.65
CA LEU B 172 -9.84 13.41 -14.81
C LEU B 172 -8.60 12.85 -15.52
N GLU B 173 -8.71 12.56 -16.81
CA GLU B 173 -7.62 11.99 -17.65
C GLU B 173 -6.47 13.00 -17.72
N GLU B 174 -6.78 14.29 -17.84
CA GLU B 174 -5.78 15.39 -17.88
C GLU B 174 -5.00 15.41 -16.57
N LYS B 175 -5.71 15.43 -15.44
CA LYS B 175 -5.12 15.48 -14.07
C LYS B 175 -4.25 14.24 -13.88
N ASP B 176 -4.71 13.05 -14.32
CA ASP B 176 -3.95 11.79 -14.16
C ASP B 176 -2.63 11.90 -14.94
N HIS B 177 -2.72 12.38 -16.20
CA HIS B 177 -1.54 12.57 -17.09
C HIS B 177 -0.53 13.52 -16.43
N ILE B 178 -0.99 14.65 -15.91
CA ILE B 178 -0.12 15.63 -15.21
C ILE B 178 0.58 14.97 -14.02
N HIS B 179 -0.14 14.20 -13.20
CA HIS B 179 0.48 13.55 -12.01
C HIS B 179 1.54 12.54 -12.46
N ARG B 180 1.29 11.83 -13.57
CA ARG B 180 2.28 10.85 -14.09
C ARG B 180 3.53 11.58 -14.62
N VAL B 181 3.39 12.74 -15.24
CA VAL B 181 4.57 13.52 -15.75
C VAL B 181 5.32 14.04 -14.52
N LEU B 182 4.61 14.51 -13.50
CA LEU B 182 5.24 15.00 -12.26
C LEU B 182 6.06 13.88 -11.60
N ASP B 183 5.53 12.66 -11.59
CA ASP B 183 6.26 11.46 -11.08
C ASP B 183 7.55 11.23 -11.91
N LYS B 184 7.48 11.34 -13.23
CA LYS B 184 8.68 11.22 -14.11
C LYS B 184 9.70 12.31 -13.72
N ILE B 185 9.27 13.54 -13.43
CA ILE B 185 10.23 14.62 -13.05
C ILE B 185 10.85 14.28 -11.70
N THR B 186 10.06 13.75 -10.75
CA THR B 186 10.58 13.26 -9.45
C THR B 186 11.70 12.22 -9.70
N ASP B 187 11.41 11.20 -10.51
CA ASP B 187 12.40 10.15 -10.88
C ASP B 187 13.66 10.81 -11.44
N THR B 188 13.49 11.84 -12.27
CA THR B 188 14.62 12.54 -12.95
C THR B 188 15.48 13.24 -11.89
N LEU B 189 14.85 13.95 -10.95
CA LEU B 189 15.60 14.64 -9.87
C LEU B 189 16.39 13.60 -9.07
N ILE B 190 15.78 12.49 -8.69
CA ILE B 190 16.44 11.44 -7.87
C ILE B 190 17.60 10.87 -8.68
N HIS B 191 17.38 10.59 -9.97
CA HIS B 191 18.45 10.06 -10.86
C HIS B 191 19.65 11.01 -10.87
N LEU B 192 19.41 12.32 -11.05
CA LEU B 192 20.49 13.34 -11.09
C LEU B 192 21.28 13.29 -9.79
N MET B 193 20.59 13.19 -8.65
CA MET B 193 21.23 13.17 -7.31
C MET B 193 22.04 11.87 -7.15
N ALA B 194 21.50 10.72 -7.57
CA ALA B 194 22.19 9.42 -7.49
C ALA B 194 23.46 9.49 -8.34
N LYS B 195 23.37 10.07 -9.54
CA LYS B 195 24.51 10.24 -10.48
C LYS B 195 25.59 11.12 -9.84
N ALA B 196 25.19 12.14 -9.09
CA ALA B 196 26.09 13.12 -8.43
C ALA B 196 26.77 12.47 -7.21
N GLY B 197 26.32 11.27 -6.81
CA GLY B 197 26.94 10.46 -5.73
C GLY B 197 26.26 10.64 -4.38
N LEU B 198 25.05 11.22 -4.31
CA LEU B 198 24.35 11.36 -3.01
C LEU B 198 23.88 9.97 -2.56
N THR B 199 23.94 9.71 -1.24
CA THR B 199 23.34 8.51 -0.60
C THR B 199 21.81 8.56 -0.79
N LEU B 200 21.13 7.42 -0.63
CA LEU B 200 19.64 7.36 -0.65
C LEU B 200 19.06 8.39 0.32
N GLN B 201 19.61 8.48 1.54
CA GLN B 201 19.10 9.41 2.57
C GLN B 201 19.29 10.85 2.07
N GLN B 202 20.47 11.18 1.53
CA GLN B 202 20.75 12.54 0.99
C GLN B 202 19.82 12.83 -0.19
N GLN B 203 19.54 11.84 -1.03
CA GLN B 203 18.62 12.01 -2.18
C GLN B 203 17.23 12.44 -1.68
N HIS B 204 16.64 11.73 -0.72
CA HIS B 204 15.27 12.06 -0.27
C HIS B 204 15.28 13.40 0.47
N GLN B 205 16.30 13.69 1.28
CA GLN B 205 16.40 14.97 2.01
C GLN B 205 16.49 16.13 1.02
N ARG B 206 17.30 16.01 -0.03
CA ARG B 206 17.48 17.10 -1.02
C ARG B 206 16.23 17.26 -1.87
N LEU B 207 15.59 16.18 -2.28
CA LEU B 207 14.28 16.24 -2.99
C LEU B 207 13.29 17.06 -2.15
N ALA B 208 13.19 16.78 -0.86
CA ALA B 208 12.23 17.49 0.02
C ALA B 208 12.63 18.96 0.18
N GLN B 209 13.92 19.25 0.33
CA GLN B 209 14.40 20.64 0.47
C GLN B 209 14.03 21.44 -0.79
N LEU B 210 14.22 20.86 -1.96
CA LEU B 210 13.90 21.56 -3.24
C LEU B 210 12.41 21.83 -3.32
N LEU B 211 11.58 20.85 -3.02
CA LEU B 211 10.13 20.98 -3.20
C LEU B 211 9.56 21.95 -2.17
N LEU B 212 10.12 22.00 -0.96
CA LEU B 212 9.64 22.92 0.10
C LEU B 212 9.91 24.36 -0.33
N ILE B 213 10.98 24.62 -1.09
CA ILE B 213 11.26 26.00 -1.57
C ILE B 213 10.14 26.40 -2.54
N LEU B 214 9.52 25.45 -3.27
CA LEU B 214 8.39 25.75 -4.19
C LEU B 214 7.21 26.36 -3.42
N SER B 215 6.98 26.01 -2.15
CA SER B 215 5.95 26.65 -1.31
C SER B 215 6.31 28.13 -1.10
N HIS B 216 7.58 28.46 -0.89
CA HIS B 216 8.02 29.87 -0.73
C HIS B 216 7.85 30.63 -2.04
N ILE B 217 8.17 30.02 -3.18
CA ILE B 217 7.97 30.70 -4.51
C ILE B 217 6.48 30.98 -4.71
N ARG B 218 5.61 30.05 -4.34
CA ARG B 218 4.15 30.26 -4.46
C ARG B 218 3.78 31.49 -3.66
N HIS B 219 4.29 31.58 -2.42
CA HIS B 219 4.00 32.67 -1.48
C HIS B 219 4.45 34.01 -2.08
N MET B 220 5.67 34.04 -2.60
CA MET B 220 6.22 35.25 -3.25
C MET B 220 5.36 35.64 -4.45
N SER B 221 4.94 34.69 -5.27
CA SER B 221 4.07 34.97 -6.45
C SER B 221 2.76 35.59 -5.98
N ASN B 222 2.13 35.06 -4.91
CA ASN B 222 0.86 35.61 -4.41
C ASN B 222 1.08 37.04 -3.89
N LYS B 223 2.17 37.27 -3.15
CA LYS B 223 2.51 38.61 -2.60
C LYS B 223 2.72 39.57 -3.77
N GLY B 224 3.48 39.13 -4.76
CA GLY B 224 3.75 39.87 -6.01
C GLY B 224 2.47 40.27 -6.72
N MET B 225 1.52 39.36 -6.88
CA MET B 225 0.17 39.62 -7.47
C MET B 225 -0.53 40.70 -6.64
N GLU B 226 -0.50 40.57 -5.31
CA GLU B 226 -1.16 41.50 -4.36
C GLU B 226 -0.51 42.89 -4.48
N HIS B 227 0.78 42.96 -4.72
CA HIS B 227 1.55 44.23 -4.84
C HIS B 227 1.31 44.86 -6.22
N LEU B 228 1.24 44.05 -7.27
CA LEU B 228 0.92 44.51 -8.66
C LEU B 228 -0.42 45.26 -8.61
N TYR B 229 -1.43 44.65 -8.01
CA TYR B 229 -2.78 45.28 -7.90
C TYR B 229 -2.66 46.60 -7.12
N SER B 230 -1.90 46.59 -6.02
CA SER B 230 -1.73 47.81 -5.19
C SER B 230 -1.04 48.93 -5.99
N MET B 231 -0.04 48.58 -6.81
CA MET B 231 0.69 49.58 -7.63
C MET B 231 0.03 49.66 -9.02
N VAL B 236 -1.40 44.49 -16.41
CA VAL B 236 -0.07 43.85 -16.56
C VAL B 236 -0.21 42.31 -16.51
N VAL B 237 -1.21 41.80 -15.78
CA VAL B 237 -1.39 40.33 -15.58
C VAL B 237 -1.93 39.74 -16.89
N PRO B 238 -1.30 38.70 -17.48
CA PRO B 238 -1.85 38.09 -18.69
C PRO B 238 -3.19 37.38 -18.41
N SER B 239 -4.22 37.70 -19.20
CA SER B 239 -5.57 37.11 -19.10
C SER B 239 -5.54 35.69 -19.67
N TYR B 240 -6.56 34.91 -19.34
CA TYR B 240 -6.86 33.60 -19.98
C TYR B 240 -6.78 33.74 -21.51
N ASP B 241 -7.48 34.76 -22.03
CA ASP B 241 -7.65 34.95 -23.50
C ASP B 241 -6.29 35.29 -24.14
N LEU B 242 -5.47 36.08 -23.47
CA LEU B 242 -4.15 36.46 -24.03
C LEU B 242 -3.28 35.20 -24.11
N LEU B 243 -3.29 34.39 -23.06
CA LEU B 243 -2.48 33.14 -23.01
C LEU B 243 -2.97 32.16 -24.07
N LEU B 244 -4.29 32.05 -24.27
CA LEU B 244 -4.86 31.13 -25.28
C LEU B 244 -4.40 31.58 -26.68
N GLU B 245 -4.52 32.88 -26.98
CA GLU B 245 -4.10 33.44 -28.28
C GLU B 245 -2.59 33.18 -28.48
N MET B 246 -1.78 33.40 -27.44
CA MET B 246 -0.30 33.21 -27.51
C MET B 246 0.03 31.73 -27.77
N LEU B 247 -0.65 30.79 -27.10
CA LEU B 247 -0.47 29.33 -27.33
C LEU B 247 -0.82 28.97 -28.76
N ASP B 248 -1.92 29.52 -29.28
CA ASP B 248 -2.42 29.21 -30.64
C ASP B 248 -1.47 29.80 -31.69
N ALA B 249 -0.90 30.97 -31.43
CA ALA B 249 0.07 31.63 -32.34
C ALA B 249 1.33 30.77 -32.39
N SER C 8 9.02 -48.04 15.36
CA SER C 8 9.53 -46.72 14.89
C SER C 8 10.10 -45.92 16.07
N LEU C 9 11.24 -45.24 15.85
CA LEU C 9 11.91 -44.33 16.82
C LEU C 9 11.67 -42.87 16.43
N ALA C 10 10.98 -42.61 15.31
CA ALA C 10 10.71 -41.24 14.80
C ALA C 10 9.91 -40.44 15.83
N LEU C 11 8.88 -41.03 16.44
CA LEU C 11 8.01 -40.29 17.40
C LEU C 11 8.74 -40.10 18.74
N SER C 12 9.92 -40.68 18.92
CA SER C 12 10.75 -40.54 20.15
C SER C 12 11.75 -39.38 19.99
N LEU C 13 11.92 -38.81 18.79
CA LEU C 13 12.87 -37.68 18.59
C LEU C 13 12.46 -36.45 19.41
N THR C 14 13.44 -35.73 19.96
CA THR C 14 13.22 -34.37 20.54
C THR C 14 13.04 -33.37 19.39
N ALA C 15 12.54 -32.17 19.68
CA ALA C 15 12.49 -31.03 18.71
C ALA C 15 13.89 -30.81 18.13
N ASP C 16 14.94 -30.76 18.96
CA ASP C 16 16.34 -30.55 18.48
C ASP C 16 16.80 -31.68 17.54
N GLN C 17 16.49 -32.94 17.85
CA GLN C 17 16.88 -34.09 16.99
C GLN C 17 16.11 -34.01 15.66
N MET C 18 14.83 -33.62 15.69
CA MET C 18 13.98 -33.47 14.49
C MET C 18 14.60 -32.39 13.58
N VAL C 19 14.92 -31.22 14.12
CA VAL C 19 15.52 -30.11 13.32
C VAL C 19 16.84 -30.62 12.70
N SER C 20 17.70 -31.27 13.50
CA SER C 20 19.01 -31.82 13.04
C SER C 20 18.80 -32.81 11.89
N ALA C 21 17.83 -33.73 12.03
CA ALA C 21 17.47 -34.73 11.00
C ALA C 21 17.10 -34.02 9.69
N LEU C 22 16.19 -33.04 9.78
CA LEU C 22 15.65 -32.32 8.59
C LEU C 22 16.77 -31.50 7.94
N LEU C 23 17.60 -30.80 8.71
CA LEU C 23 18.72 -30.03 8.12
C LEU C 23 19.68 -30.97 7.37
N ASP C 24 20.04 -32.11 7.99
CA ASP C 24 20.98 -33.10 7.39
C ASP C 24 20.41 -33.73 6.11
N ALA C 25 19.07 -33.88 6.02
CA ALA C 25 18.37 -34.55 4.90
C ALA C 25 18.26 -33.62 3.69
N GLU C 26 18.54 -32.32 3.82
CA GLU C 26 18.29 -31.31 2.75
C GLU C 26 18.93 -31.76 1.44
N PRO C 27 18.19 -31.74 0.31
CA PRO C 27 18.75 -32.05 -1.00
C PRO C 27 19.70 -30.97 -1.50
N PRO C 28 20.60 -31.29 -2.44
CA PRO C 28 21.46 -30.29 -3.05
C PRO C 28 20.68 -29.35 -3.97
N ILE C 29 21.24 -28.16 -4.22
CA ILE C 29 20.73 -27.21 -5.22
C ILE C 29 21.35 -27.63 -6.54
N LEU C 30 20.54 -27.92 -7.55
CA LEU C 30 21.04 -28.35 -8.87
C LEU C 30 21.16 -27.15 -9.80
N TYR C 31 21.93 -27.34 -10.88
CA TYR C 31 22.08 -26.36 -11.98
C TYR C 31 21.16 -26.76 -13.13
N SER C 32 20.71 -25.74 -13.87
CA SER C 32 20.04 -25.92 -15.17
C SER C 32 21.09 -26.33 -16.21
N GLU C 33 20.66 -26.93 -17.31
CA GLU C 33 21.52 -27.14 -18.52
C GLU C 33 22.37 -25.88 -18.72
N TYR C 34 23.70 -26.01 -18.92
CA TYR C 34 24.66 -24.88 -18.93
C TYR C 34 24.24 -23.81 -19.97
N ASP C 35 24.40 -24.12 -21.26
CA ASP C 35 24.26 -23.13 -22.36
C ASP C 35 22.97 -23.44 -23.08
N PRO C 36 21.80 -22.96 -22.58
CA PRO C 36 20.55 -23.07 -23.32
C PRO C 36 20.53 -21.99 -24.41
N THR C 37 19.89 -22.26 -25.55
CA THR C 37 19.51 -21.23 -26.55
C THR C 37 18.58 -20.22 -25.86
N ARG C 38 18.98 -18.95 -25.81
CA ARG C 38 18.16 -17.81 -25.38
C ARG C 38 18.03 -16.88 -26.58
N PRO C 39 16.90 -16.17 -26.79
CA PRO C 39 15.71 -16.26 -25.93
C PRO C 39 14.99 -17.62 -26.04
N PHE C 40 14.17 -17.94 -25.04
CA PHE C 40 13.42 -19.22 -24.94
C PHE C 40 12.18 -19.15 -25.83
N SER C 41 11.83 -20.29 -26.45
CA SER C 41 10.45 -20.59 -26.94
C SER C 41 9.68 -21.23 -25.77
N GLU C 42 8.39 -21.48 -25.95
CA GLU C 42 7.56 -22.22 -24.95
C GLU C 42 8.13 -23.63 -24.79
N ALA C 43 8.47 -24.27 -25.90
CA ALA C 43 9.05 -25.64 -25.95
C ALA C 43 10.38 -25.70 -25.20
N SER C 44 11.32 -24.79 -25.47
CA SER C 44 12.69 -24.83 -24.87
C SER C 44 12.65 -24.45 -23.39
N MET C 45 11.78 -23.53 -22.98
CA MET C 45 11.64 -23.13 -21.55
C MET C 45 11.06 -24.31 -20.77
N MET C 46 9.99 -24.90 -21.27
CA MET C 46 9.38 -26.12 -20.64
C MET C 46 10.40 -27.26 -20.67
N GLY C 47 11.17 -27.40 -21.76
CA GLY C 47 12.24 -28.41 -21.86
C GLY C 47 13.25 -28.27 -20.73
N LEU C 48 13.79 -27.05 -20.51
CA LEU C 48 14.79 -26.76 -19.45
C LEU C 48 14.19 -27.06 -18.06
N LEU C 49 12.96 -26.60 -17.82
CA LEU C 49 12.36 -26.69 -16.47
C LEU C 49 12.02 -28.15 -16.18
N THR C 50 11.53 -28.88 -17.17
CA THR C 50 11.26 -30.34 -17.05
C THR C 50 12.56 -31.08 -16.74
N ASN C 51 13.63 -30.80 -17.47
CA ASN C 51 14.96 -31.43 -17.24
C ASN C 51 15.41 -31.17 -15.79
N LEU C 52 15.29 -29.93 -15.30
CA LEU C 52 15.66 -29.57 -13.92
C LEU C 52 14.76 -30.34 -12.93
N ALA C 53 13.44 -30.31 -13.12
CA ALA C 53 12.47 -30.94 -12.19
C ALA C 53 12.75 -32.45 -12.09
N ASP C 54 12.98 -33.09 -13.24
CA ASP C 54 13.26 -34.55 -13.32
C ASP C 54 14.51 -34.88 -12.50
N ARG C 55 15.56 -34.07 -12.60
CA ARG C 55 16.80 -34.33 -11.83
C ARG C 55 16.54 -34.04 -10.35
N GLU C 56 15.82 -32.96 -10.04
CA GLU C 56 15.48 -32.62 -8.63
C GLU C 56 14.66 -33.75 -8.00
N LEU C 57 13.83 -34.45 -8.78
CA LEU C 57 12.88 -35.45 -8.21
C LEU C 57 13.66 -36.59 -7.57
N VAL C 58 14.77 -37.02 -8.19
CA VAL C 58 15.63 -38.11 -7.64
C VAL C 58 16.06 -37.74 -6.20
N HIS C 59 16.57 -36.53 -6.03
CA HIS C 59 17.11 -36.02 -4.76
C HIS C 59 15.95 -35.81 -3.78
N MET C 60 14.77 -35.40 -4.26
CA MET C 60 13.57 -35.25 -3.36
C MET C 60 13.24 -36.61 -2.75
N ILE C 61 13.30 -37.68 -3.53
CA ILE C 61 12.98 -39.05 -3.04
C ILE C 61 13.97 -39.40 -1.92
N ASN C 62 15.26 -39.10 -2.10
CA ASN C 62 16.29 -39.37 -1.07
C ASN C 62 16.03 -38.57 0.20
N TRP C 63 15.67 -37.29 0.01
CA TRP C 63 15.23 -36.39 1.11
C TRP C 63 14.03 -37.01 1.84
N ALA C 64 12.97 -37.37 1.10
CA ALA C 64 11.75 -37.96 1.68
C ALA C 64 12.09 -39.13 2.60
N LYS C 65 12.95 -40.04 2.14
CA LYS C 65 13.33 -41.26 2.90
C LYS C 65 14.01 -40.87 4.21
N ARG C 66 14.58 -39.67 4.32
CA ARG C 66 15.27 -39.21 5.56
C ARG C 66 14.34 -38.36 6.44
N VAL C 67 13.10 -38.10 6.03
CA VAL C 67 12.11 -37.35 6.86
C VAL C 67 11.62 -38.33 7.92
N PRO C 68 11.86 -38.07 9.22
CA PRO C 68 11.50 -39.03 10.26
C PRO C 68 10.04 -39.52 10.11
N GLY C 69 9.85 -40.83 10.07
CA GLY C 69 8.52 -41.45 10.03
C GLY C 69 8.08 -41.85 8.65
N PHE C 70 8.68 -41.26 7.62
CA PHE C 70 8.26 -41.49 6.21
C PHE C 70 8.49 -42.96 5.83
N VAL C 71 9.65 -43.53 6.16
CA VAL C 71 9.95 -44.94 5.74
C VAL C 71 9.21 -45.94 6.63
N ASP C 72 8.54 -45.51 7.70
CA ASP C 72 7.64 -46.39 8.51
C ASP C 72 6.40 -46.76 7.70
N LEU C 73 6.06 -45.98 6.67
CA LEU C 73 4.83 -46.21 5.88
C LEU C 73 5.11 -47.33 4.86
N THR C 74 4.06 -47.93 4.31
CA THR C 74 4.18 -48.90 3.19
C THR C 74 4.72 -48.18 1.94
N SER C 75 5.38 -48.90 1.03
CA SER C 75 5.91 -48.32 -0.23
C SER C 75 4.76 -47.62 -0.99
N HIS C 76 3.59 -48.25 -1.01
CA HIS C 76 2.39 -47.69 -1.68
C HIS C 76 2.01 -46.33 -1.06
N ASP C 77 1.96 -46.23 0.26
CA ASP C 77 1.60 -44.96 0.96
C ASP C 77 2.70 -43.90 0.72
N GLN C 78 3.97 -44.28 0.71
CA GLN C 78 5.11 -43.37 0.39
C GLN C 78 4.90 -42.77 -1.00
N VAL C 79 4.59 -43.60 -1.99
CA VAL C 79 4.39 -43.13 -3.38
C VAL C 79 3.19 -42.18 -3.42
N HIS C 80 2.09 -42.51 -2.73
CA HIS C 80 0.85 -41.70 -2.72
C HIS C 80 1.17 -40.31 -2.17
N LEU C 81 1.95 -40.22 -1.10
CA LEU C 81 2.31 -38.91 -0.49
C LEU C 81 3.16 -38.15 -1.51
N LEU C 82 4.12 -38.81 -2.16
CA LEU C 82 4.99 -38.12 -3.14
C LEU C 82 4.19 -37.70 -4.37
N GLU C 83 3.27 -38.52 -4.85
CA GLU C 83 2.41 -38.14 -6.01
C GLU C 83 1.67 -36.84 -5.70
N YCM C 84 1.19 -36.72 -4.46
CA YCM C 84 0.36 -35.58 -4.09
CB YCM C 84 -0.47 -35.92 -2.88
SG YCM C 84 -1.79 -37.14 -3.16
CD YCM C 84 -2.90 -36.36 -4.37
CE YCM C 84 -3.26 -34.95 -4.00
OZ1 YCM C 84 -2.89 -34.04 -4.73
NZ2 YCM C 84 -3.95 -34.81 -2.89
C YCM C 84 1.21 -34.33 -3.81
O YCM C 84 0.73 -33.22 -4.00
N ALA C 85 2.45 -34.50 -3.36
CA ALA C 85 3.25 -33.40 -2.83
C ALA C 85 4.33 -32.89 -3.80
N TRP C 86 4.74 -33.65 -4.81
CA TRP C 86 6.03 -33.36 -5.49
C TRP C 86 6.06 -31.91 -6.01
N LEU C 87 5.01 -31.42 -6.66
CA LEU C 87 5.08 -30.08 -7.27
C LEU C 87 5.05 -29.00 -6.18
N GLU C 88 4.27 -29.19 -5.12
CA GLU C 88 4.30 -28.28 -3.94
C GLU C 88 5.73 -28.23 -3.35
N ILE C 89 6.40 -29.37 -3.23
CA ILE C 89 7.78 -29.46 -2.68
C ILE C 89 8.75 -28.73 -3.62
N LEU C 90 8.65 -28.94 -4.93
CA LEU C 90 9.52 -28.20 -5.89
C LEU C 90 9.23 -26.70 -5.72
N MET C 91 7.96 -26.32 -5.64
CA MET C 91 7.59 -24.89 -5.56
C MET C 91 8.07 -24.25 -4.26
N ILE C 92 7.95 -24.90 -3.10
CA ILE C 92 8.40 -24.23 -1.84
C ILE C 92 9.93 -24.12 -1.88
N GLY C 93 10.62 -25.07 -2.49
CA GLY C 93 12.08 -24.96 -2.71
C GLY C 93 12.43 -23.73 -3.55
N LEU C 94 11.72 -23.54 -4.64
CA LEU C 94 11.95 -22.39 -5.55
C LEU C 94 11.73 -21.07 -4.79
N VAL C 95 10.64 -20.99 -4.03
CA VAL C 95 10.28 -19.76 -3.28
C VAL C 95 11.37 -19.47 -2.24
N TRP C 96 11.84 -20.49 -1.53
CA TRP C 96 12.95 -20.40 -0.55
C TRP C 96 14.21 -19.84 -1.22
N ARG C 97 14.63 -20.41 -2.36
CA ARG C 97 15.85 -20.02 -3.11
C ARG C 97 15.75 -18.57 -3.59
N SER C 98 14.53 -18.12 -3.88
CA SER C 98 14.24 -16.84 -4.56
C SER C 98 14.07 -15.73 -3.51
N MET C 99 14.01 -16.06 -2.21
CA MET C 99 13.75 -15.07 -1.14
C MET C 99 14.66 -13.84 -1.27
N GLU C 100 15.95 -14.05 -1.48
N GLU C 100 15.96 -14.05 -1.48
CA GLU C 100 17.00 -12.98 -1.50
CA GLU C 100 16.99 -12.97 -1.49
C GLU C 100 17.07 -12.30 -2.88
C GLU C 100 17.08 -12.30 -2.88
N HIS C 101 16.17 -12.63 -3.81
CA HIS C 101 16.13 -12.06 -5.19
C HIS C 101 14.76 -11.47 -5.49
N PRO C 102 14.38 -10.35 -4.83
CA PRO C 102 13.07 -9.74 -5.05
C PRO C 102 12.76 -9.54 -6.55
N GLY C 103 11.55 -9.90 -6.97
CA GLY C 103 11.06 -9.76 -8.35
C GLY C 103 11.57 -10.85 -9.29
N LYS C 104 12.35 -11.83 -8.78
CA LYS C 104 12.94 -12.89 -9.63
C LYS C 104 12.73 -14.26 -8.99
N LEU C 105 12.71 -15.29 -9.83
CA LEU C 105 12.65 -16.71 -9.38
C LEU C 105 13.99 -17.38 -9.74
N LEU C 106 14.72 -17.78 -8.71
CA LEU C 106 16.01 -18.50 -8.85
C LEU C 106 15.70 -19.99 -9.02
N PHE C 107 15.36 -20.40 -10.25
CA PHE C 107 15.13 -21.83 -10.60
C PHE C 107 16.38 -22.64 -10.28
N ALA C 108 17.54 -22.05 -10.62
CA ALA C 108 18.89 -22.59 -10.38
C ALA C 108 19.87 -21.41 -10.25
N PRO C 109 21.07 -21.60 -9.66
CA PRO C 109 22.04 -20.52 -9.55
C PRO C 109 22.36 -19.91 -10.93
N ASN C 110 22.19 -20.68 -12.01
CA ASN C 110 22.48 -20.26 -13.41
C ASN C 110 21.18 -20.02 -14.18
N LEU C 111 20.02 -19.98 -13.52
CA LEU C 111 18.72 -19.73 -14.19
C LEU C 111 17.84 -18.87 -13.26
N LEU C 112 18.10 -17.57 -13.27
CA LEU C 112 17.40 -16.52 -12.50
C LEU C 112 16.50 -15.74 -13.45
N LEU C 113 15.18 -15.87 -13.29
CA LEU C 113 14.17 -15.34 -14.25
C LEU C 113 13.33 -14.25 -13.60
N ASP C 114 13.09 -13.15 -14.32
CA ASP C 114 12.17 -12.06 -13.89
C ASP C 114 10.83 -12.28 -14.58
N ARG C 115 9.81 -11.50 -14.19
CA ARG C 115 8.37 -11.72 -14.51
C ARG C 115 8.17 -11.86 -16.03
N ASN C 116 8.82 -11.01 -16.83
CA ASN C 116 8.64 -10.92 -18.31
C ASN C 116 8.96 -12.27 -18.97
N GLN C 117 9.96 -13.00 -18.44
CA GLN C 117 10.45 -14.28 -19.05
C GLN C 117 9.44 -15.40 -18.78
N GLY C 118 8.52 -15.22 -17.84
CA GLY C 118 7.44 -16.17 -17.53
C GLY C 118 6.40 -16.25 -18.63
N LYS C 119 6.30 -15.21 -19.46
CA LYS C 119 5.29 -15.03 -20.54
C LYS C 119 5.54 -15.99 -21.71
N YCM C 120 6.76 -16.54 -21.78
CA YCM C 120 7.16 -17.39 -22.89
CB YCM C 120 8.66 -17.56 -22.84
SG YCM C 120 9.52 -16.05 -23.32
CD YCM C 120 11.17 -16.26 -22.60
CE YCM C 120 12.22 -15.91 -23.62
OZ1 YCM C 120 13.41 -15.90 -23.30
NZ2 YCM C 120 11.78 -15.63 -24.82
C YCM C 120 6.41 -18.71 -22.89
O YCM C 120 6.46 -19.42 -23.90
N VAL C 121 5.71 -19.05 -21.80
CA VAL C 121 4.88 -20.25 -21.76
C VAL C 121 3.44 -19.89 -21.36
N GLU C 122 2.46 -20.52 -22.03
CA GLU C 122 1.01 -20.19 -21.97
C GLU C 122 0.52 -20.23 -20.53
N GLY C 123 -0.05 -19.10 -20.06
CA GLY C 123 -0.64 -18.89 -18.73
C GLY C 123 0.34 -19.10 -17.58
N MET C 124 1.65 -19.18 -17.84
CA MET C 124 2.68 -19.47 -16.79
C MET C 124 3.08 -18.18 -16.03
N VAL C 125 2.81 -16.97 -16.53
CA VAL C 125 3.11 -15.69 -15.81
C VAL C 125 2.17 -15.57 -14.60
N GLU C 126 0.96 -16.12 -14.69
CA GLU C 126 -0.02 -16.14 -13.58
C GLU C 126 0.62 -16.85 -12.37
N ILE C 127 1.19 -18.03 -12.58
CA ILE C 127 1.83 -18.84 -11.50
C ILE C 127 3.13 -18.15 -11.07
N PHE C 128 3.91 -17.63 -12.01
CA PHE C 128 5.12 -16.82 -11.73
C PHE C 128 4.78 -15.74 -10.70
N ASP C 129 3.70 -14.98 -10.92
CA ASP C 129 3.30 -13.87 -10.02
C ASP C 129 2.94 -14.44 -8.64
N MET C 130 2.24 -15.57 -8.60
CA MET C 130 1.85 -16.21 -7.31
C MET C 130 3.11 -16.65 -6.57
N LEU C 131 4.12 -17.17 -7.27
CA LEU C 131 5.39 -17.65 -6.65
C LEU C 131 6.16 -16.46 -6.09
N LEU C 132 6.26 -15.38 -6.88
CA LEU C 132 6.92 -14.10 -6.47
C LEU C 132 6.22 -13.55 -5.22
N ALA C 133 4.89 -13.60 -5.15
CA ALA C 133 4.10 -13.14 -3.98
C ALA C 133 4.47 -13.98 -2.75
N THR C 134 4.62 -15.29 -2.91
CA THR C 134 4.98 -16.22 -1.80
C THR C 134 6.40 -15.90 -1.31
N SER C 135 7.34 -15.72 -2.22
CA SER C 135 8.74 -15.35 -1.88
C SER C 135 8.75 -14.04 -1.07
N SER C 136 7.95 -13.05 -1.48
CA SER C 136 7.80 -11.75 -0.76
C SER C 136 7.24 -11.97 0.65
N ARG C 137 6.22 -12.81 0.77
CA ARG C 137 5.61 -13.14 2.09
C ARG C 137 6.68 -13.76 3.02
N PHE C 138 7.46 -14.73 2.52
CA PHE C 138 8.53 -15.38 3.32
C PHE C 138 9.57 -14.33 3.74
N ARG C 139 9.97 -13.45 2.82
CA ARG C 139 10.97 -12.37 3.11
C ARG C 139 10.40 -11.45 4.22
N MET C 140 9.12 -11.05 4.11
CA MET C 140 8.43 -10.18 5.11
C MET C 140 8.42 -10.88 6.48
N MET C 141 8.14 -12.18 6.53
CA MET C 141 8.09 -12.97 7.79
C MET C 141 9.49 -13.31 8.32
N ASN C 142 10.55 -13.05 7.54
CA ASN C 142 11.94 -13.46 7.86
C ASN C 142 11.97 -14.98 8.12
N LEU C 143 11.45 -15.77 7.19
CA LEU C 143 11.39 -17.24 7.36
C LEU C 143 12.81 -17.75 7.55
N GLN C 144 13.03 -18.59 8.56
CA GLN C 144 14.33 -19.19 8.93
C GLN C 144 14.46 -20.56 8.28
N GLY C 145 15.69 -20.96 7.96
CA GLY C 145 16.02 -22.28 7.36
C GLY C 145 15.39 -23.41 8.17
N GLU C 146 15.46 -23.34 9.50
CA GLU C 146 14.95 -24.41 10.39
C GLU C 146 13.42 -24.51 10.25
N GLU C 147 12.74 -23.37 10.06
CA GLU C 147 11.27 -23.32 9.81
C GLU C 147 10.94 -23.87 8.40
N PHE C 148 11.68 -23.45 7.39
CA PHE C 148 11.50 -23.90 5.99
C PHE C 148 11.54 -25.45 5.92
N VAL C 149 12.52 -26.11 6.54
CA VAL C 149 12.63 -27.59 6.42
C VAL C 149 11.44 -28.25 7.12
N CYS C 150 10.95 -27.68 8.22
CA CYS C 150 9.72 -28.16 8.90
C CYS C 150 8.52 -28.06 7.95
N LEU C 151 8.36 -26.93 7.28
CA LEU C 151 7.21 -26.66 6.38
C LEU C 151 7.27 -27.63 5.19
N LYS C 152 8.45 -27.85 4.63
CA LYS C 152 8.61 -28.78 3.50
C LYS C 152 8.18 -30.19 3.94
N SER C 153 8.57 -30.62 5.13
CA SER C 153 8.19 -31.96 5.64
C SER C 153 6.68 -32.03 5.89
N ILE C 154 6.06 -30.94 6.34
CA ILE C 154 4.59 -30.92 6.56
C ILE C 154 3.90 -31.13 5.20
N ILE C 155 4.36 -30.47 4.15
CA ILE C 155 3.75 -30.63 2.79
C ILE C 155 3.82 -32.11 2.40
N LEU C 156 4.97 -32.76 2.59
CA LEU C 156 5.16 -34.17 2.20
C LEU C 156 4.14 -35.04 2.93
N LEU C 157 3.99 -34.86 4.26
CA LEU C 157 3.13 -35.75 5.09
C LEU C 157 1.66 -35.37 4.95
N ASN C 158 1.34 -34.09 4.76
CA ASN C 158 -0.05 -33.58 4.83
C ASN C 158 -0.76 -33.68 3.47
N SER C 159 -0.05 -33.49 2.36
CA SER C 159 -0.73 -33.23 1.07
C SER C 159 -1.59 -34.43 0.68
N GLY C 160 -1.12 -35.65 0.93
CA GLY C 160 -1.78 -36.89 0.46
C GLY C 160 -2.51 -37.65 1.54
N VAL C 161 -2.52 -37.15 2.78
CA VAL C 161 -2.97 -37.96 3.96
C VAL C 161 -4.51 -38.10 3.94
N TYR C 162 -5.24 -37.13 3.40
CA TYR C 162 -6.73 -37.08 3.42
C TYR C 162 -7.30 -37.87 2.24
N THR C 163 -6.45 -38.47 1.41
CA THR C 163 -6.87 -39.25 0.21
C THR C 163 -6.31 -40.68 0.25
N PHE C 164 -5.96 -41.19 1.43
CA PHE C 164 -5.96 -42.64 1.78
C PHE C 164 -7.36 -43.01 2.33
N LEU C 165 -8.21 -43.62 1.50
CA LEU C 165 -9.67 -43.77 1.80
C LEU C 165 -9.94 -45.12 2.50
N SER C 166 -8.93 -45.98 2.60
CA SER C 166 -9.05 -47.43 2.96
C SER C 166 -9.63 -47.63 4.37
N SER C 167 -10.28 -48.79 4.57
CA SER C 167 -10.99 -49.18 5.82
C SER C 167 -10.30 -50.37 6.49
N THR C 168 -9.02 -50.62 6.20
CA THR C 168 -8.21 -51.64 6.93
C THR C 168 -7.69 -51.01 8.23
N LEU C 169 -7.40 -51.86 9.22
CA LEU C 169 -6.71 -51.44 10.47
C LEU C 169 -5.36 -50.82 10.11
N LYS C 170 -4.65 -51.41 9.15
CA LYS C 170 -3.30 -50.95 8.73
C LYS C 170 -3.39 -49.50 8.22
N SER C 171 -4.38 -49.19 7.37
CA SER C 171 -4.58 -47.84 6.79
C SER C 171 -4.86 -46.84 7.91
N LEU C 172 -5.71 -47.20 8.88
CA LEU C 172 -6.00 -46.36 10.08
C LEU C 172 -4.69 -46.09 10.83
N GLU C 173 -3.89 -47.12 11.06
CA GLU C 173 -2.59 -47.04 11.78
C GLU C 173 -1.62 -46.15 10.99
N GLU C 174 -1.61 -46.25 9.66
CA GLU C 174 -0.76 -45.41 8.75
C GLU C 174 -1.16 -43.93 8.93
N LYS C 175 -2.45 -43.64 8.81
CA LYS C 175 -3.01 -42.27 8.92
C LYS C 175 -2.68 -41.73 10.32
N ASP C 176 -2.84 -42.55 11.36
CA ASP C 176 -2.59 -42.14 12.78
C ASP C 176 -1.11 -41.78 12.91
N HIS C 177 -0.22 -42.61 12.37
CA HIS C 177 1.24 -42.42 12.39
C HIS C 177 1.60 -41.08 11.74
N ILE C 178 1.04 -40.81 10.57
CA ILE C 178 1.29 -39.51 9.86
C ILE C 178 0.83 -38.34 10.74
N HIS C 179 -0.35 -38.43 11.37
CA HIS C 179 -0.86 -37.31 12.20
C HIS C 179 0.06 -37.11 13.41
N ARG C 180 0.62 -38.18 13.96
CA ARG C 180 1.55 -38.11 15.11
C ARG C 180 2.86 -37.47 14.68
N VAL C 181 3.38 -37.78 13.49
CA VAL C 181 4.63 -37.16 12.99
C VAL C 181 4.35 -35.67 12.74
N LEU C 182 3.21 -35.35 12.17
CA LEU C 182 2.83 -33.93 11.91
C LEU C 182 2.77 -33.16 13.22
N ASP C 183 2.21 -33.76 14.28
CA ASP C 183 2.17 -33.15 15.65
C ASP C 183 3.60 -32.91 16.16
N LYS C 184 4.52 -33.87 15.97
CA LYS C 184 5.93 -33.68 16.39
C LYS C 184 6.54 -32.52 15.60
N ILE C 185 6.23 -32.37 14.32
CA ILE C 185 6.80 -31.23 13.53
C ILE C 185 6.20 -29.93 14.06
N THR C 186 4.91 -29.90 14.40
CA THR C 186 4.27 -28.72 15.04
C THR C 186 5.03 -28.36 16.32
N ASP C 187 5.26 -29.33 17.20
CA ASP C 187 6.02 -29.14 18.46
C ASP C 187 7.39 -28.54 18.12
N THR C 188 8.03 -29.02 17.06
CA THR C 188 9.39 -28.59 16.65
C THR C 188 9.33 -27.12 16.23
N LEU C 189 8.35 -26.74 15.40
CA LEU C 189 8.20 -25.33 14.97
C LEU C 189 8.01 -24.43 16.21
N ILE C 190 7.13 -24.83 17.12
CA ILE C 190 6.85 -24.03 18.35
C ILE C 190 8.14 -23.93 19.15
N HIS C 191 8.87 -25.04 19.30
CA HIS C 191 10.17 -25.07 20.04
C HIS C 191 11.13 -24.02 19.45
N LEU C 192 11.30 -24.01 18.12
CA LEU C 192 12.20 -23.07 17.42
C LEU C 192 11.79 -21.63 17.76
N MET C 193 10.49 -21.33 17.73
CA MET C 193 9.96 -19.98 18.01
C MET C 193 10.18 -19.61 19.49
N ALA C 194 9.94 -20.55 20.41
CA ALA C 194 10.13 -20.34 21.87
C ALA C 194 11.62 -20.07 22.12
N LYS C 195 12.51 -20.83 21.47
CA LYS C 195 13.99 -20.67 21.56
C LYS C 195 14.40 -19.28 21.07
N ALA C 196 13.75 -18.78 20.02
CA ALA C 196 14.04 -17.47 19.39
C ALA C 196 13.53 -16.34 20.28
N GLY C 197 12.72 -16.65 21.30
CA GLY C 197 12.26 -15.69 22.32
C GLY C 197 10.88 -15.11 22.03
N LEU C 198 10.11 -15.71 21.13
CA LEU C 198 8.72 -15.23 20.85
C LEU C 198 7.83 -15.54 22.06
N THR C 199 6.91 -14.64 22.41
CA THR C 199 5.84 -14.88 23.42
C THR C 199 4.95 -16.03 22.93
N LEU C 200 4.20 -16.66 23.83
CA LEU C 200 3.20 -17.69 23.48
C LEU C 200 2.26 -17.16 22.40
N GLN C 201 1.76 -15.92 22.55
CA GLN C 201 0.81 -15.32 21.57
C GLN C 201 1.53 -15.21 20.22
N GLN C 202 2.75 -14.68 20.20
CA GLN C 202 3.55 -14.55 18.95
C GLN C 202 3.80 -15.94 18.34
N GLN C 203 4.06 -16.96 19.16
CA GLN C 203 4.33 -18.33 18.68
C GLN C 203 3.10 -18.86 17.94
N HIS C 204 1.91 -18.75 18.52
CA HIS C 204 0.68 -19.30 17.87
C HIS C 204 0.38 -18.49 16.59
N GLN C 205 0.57 -17.17 16.62
CA GLN C 205 0.30 -16.30 15.47
C GLN C 205 1.23 -16.70 14.32
N ARG C 206 2.52 -16.89 14.60
CA ARG C 206 3.52 -17.24 13.55
C ARG C 206 3.28 -18.65 13.01
N LEU C 207 2.97 -19.62 13.88
CA LEU C 207 2.59 -20.98 13.46
C LEU C 207 1.43 -20.88 12.45
N ALA C 208 0.39 -20.11 12.75
CA ALA C 208 -0.78 -20.00 11.88
C ALA C 208 -0.40 -19.31 10.57
N GLN C 209 0.41 -18.25 10.62
CA GLN C 209 0.83 -17.55 9.38
C GLN C 209 1.58 -18.53 8.47
N LEU C 210 2.49 -19.32 9.02
CA LEU C 210 3.29 -20.28 8.19
C LEU C 210 2.36 -21.34 7.56
N LEU C 211 1.45 -21.91 8.35
CA LEU C 211 0.61 -23.00 7.84
C LEU C 211 -0.41 -22.46 6.82
N LEU C 212 -0.88 -21.22 6.98
CA LEU C 212 -1.87 -20.65 6.03
C LEU C 212 -1.19 -20.41 4.67
N ILE C 213 0.11 -20.14 4.64
CA ILE C 213 0.83 -20.00 3.33
C ILE C 213 0.83 -21.37 2.63
N LEU C 214 0.79 -22.49 3.35
CA LEU C 214 0.72 -23.84 2.74
C LEU C 214 -0.55 -23.99 1.91
N SER C 215 -1.66 -23.34 2.28
CA SER C 215 -2.90 -23.34 1.46
C SER C 215 -2.62 -22.67 0.11
N HIS C 216 -1.85 -21.58 0.10
CA HIS C 216 -1.50 -20.86 -1.15
C HIS C 216 -0.57 -21.75 -2.00
N ILE C 217 0.39 -22.44 -1.39
CA ILE C 217 1.30 -23.34 -2.17
C ILE C 217 0.47 -24.47 -2.82
N ARG C 218 -0.52 -25.00 -2.10
CA ARG C 218 -1.39 -26.05 -2.66
C ARG C 218 -2.10 -25.46 -3.89
N HIS C 219 -2.62 -24.24 -3.76
CA HIS C 219 -3.38 -23.54 -4.84
C HIS C 219 -2.48 -23.40 -6.07
N MET C 220 -1.26 -22.92 -5.87
CA MET C 220 -0.27 -22.77 -6.97
C MET C 220 0.00 -24.13 -7.62
N SER C 221 0.17 -25.19 -6.83
CA SER C 221 0.44 -26.55 -7.35
C SER C 221 -0.72 -27.01 -8.23
N ASN C 222 -1.96 -26.79 -7.77
CA ASN C 222 -3.17 -27.19 -8.52
C ASN C 222 -3.24 -26.39 -9.82
N LYS C 223 -2.99 -25.08 -9.77
CA LYS C 223 -3.04 -24.19 -10.96
C LYS C 223 -2.00 -24.68 -11.96
N GLY C 224 -0.79 -24.95 -11.47
CA GLY C 224 0.34 -25.48 -12.26
C GLY C 224 -0.05 -26.73 -13.02
N MET C 225 -0.62 -27.71 -12.30
CA MET C 225 -1.13 -28.99 -12.87
C MET C 225 -2.17 -28.69 -13.95
N GLU C 226 -3.11 -27.79 -13.67
CA GLU C 226 -4.25 -27.43 -14.57
C GLU C 226 -3.70 -26.80 -15.85
N HIS C 227 -2.62 -26.02 -15.74
CA HIS C 227 -2.00 -25.31 -16.90
C HIS C 227 -1.16 -26.31 -17.72
N LEU C 228 -0.44 -27.22 -17.05
CA LEU C 228 0.34 -28.29 -17.71
C LEU C 228 -0.59 -29.09 -18.63
N TYR C 229 -1.74 -29.51 -18.10
CA TYR C 229 -2.75 -30.31 -18.84
C TYR C 229 -3.22 -29.53 -20.07
N SER C 230 -3.64 -28.26 -19.88
CA SER C 230 -4.14 -27.36 -20.95
C SER C 230 -3.12 -27.20 -22.09
N MET C 231 -1.84 -27.50 -21.87
CA MET C 231 -0.82 -27.63 -22.97
C MET C 231 -0.12 -28.99 -22.85
N VAL C 236 6.78 -33.54 -17.88
CA VAL C 236 5.72 -34.59 -17.73
C VAL C 236 5.70 -35.06 -16.27
N VAL C 237 4.51 -35.35 -15.76
CA VAL C 237 4.23 -35.69 -14.35
C VAL C 237 4.85 -37.06 -14.05
N PRO C 238 5.65 -37.20 -12.97
CA PRO C 238 6.24 -38.48 -12.60
C PRO C 238 5.20 -39.57 -12.29
N SER C 239 5.33 -40.74 -12.90
CA SER C 239 4.35 -41.86 -12.80
C SER C 239 4.49 -42.54 -11.45
N TYR C 240 3.45 -43.25 -11.03
CA TYR C 240 3.51 -44.17 -9.86
C TYR C 240 4.75 -45.07 -9.97
N ASP C 241 4.95 -45.68 -11.14
CA ASP C 241 6.05 -46.66 -11.36
C ASP C 241 7.42 -45.97 -11.21
N LEU C 242 7.59 -44.75 -11.70
CA LEU C 242 8.90 -44.05 -11.64
C LEU C 242 9.19 -43.76 -10.15
N LEU C 243 8.18 -43.28 -9.42
CA LEU C 243 8.35 -42.93 -7.98
C LEU C 243 8.69 -44.19 -7.19
N LEU C 244 8.00 -45.30 -7.48
CA LEU C 244 8.23 -46.57 -6.75
C LEU C 244 9.65 -47.06 -7.04
N GLU C 245 10.09 -47.05 -8.30
CA GLU C 245 11.47 -47.47 -8.66
C GLU C 245 12.48 -46.59 -7.92
N MET C 246 12.27 -45.27 -7.90
CA MET C 246 13.20 -44.32 -7.21
C MET C 246 13.25 -44.61 -5.71
N LEU C 247 12.09 -44.85 -5.06
CA LEU C 247 12.00 -45.22 -3.62
C LEU C 247 12.79 -46.52 -3.36
N ASP C 248 12.64 -47.51 -4.23
CA ASP C 248 13.27 -48.85 -4.08
C ASP C 248 14.78 -48.74 -4.31
N ALA C 249 15.22 -47.86 -5.21
CA ALA C 249 16.65 -47.62 -5.51
C ALA C 249 17.39 -48.94 -5.78
N HIS C 250 16.81 -49.81 -6.59
CA HIS C 250 17.42 -51.10 -7.03
C HIS C 250 18.59 -50.83 -7.98
N ARG C 251 19.63 -51.65 -7.89
CA ARG C 251 20.80 -51.63 -8.81
C ARG C 251 20.31 -51.79 -10.25
N LEU C 252 20.81 -50.93 -11.14
CA LEU C 252 20.47 -50.88 -12.59
C LEU C 252 21.38 -51.86 -13.33
N HIS C 253 20.86 -52.52 -14.38
CA HIS C 253 21.65 -53.31 -15.37
C HIS C 253 22.50 -52.34 -16.18
N ALA C 254 23.77 -52.66 -16.44
CA ALA C 254 24.72 -51.81 -17.20
C ALA C 254 24.13 -51.47 -18.57
N PRO C 255 24.36 -50.24 -19.10
CA PRO C 255 24.00 -49.90 -20.48
C PRO C 255 24.61 -50.85 -21.52
N SER D 8 -9.44 -0.35 13.62
CA SER D 8 -10.74 -1.07 13.42
C SER D 8 -11.21 -1.69 14.73
N LEU D 9 -12.52 -1.63 15.01
CA LEU D 9 -13.15 -2.26 16.20
C LEU D 9 -12.92 -3.77 16.18
N ALA D 10 -12.67 -4.36 15.01
CA ALA D 10 -12.36 -5.81 14.83
C ALA D 10 -11.12 -6.19 15.64
N LEU D 11 -10.07 -5.37 15.61
CA LEU D 11 -8.78 -5.68 16.26
C LEU D 11 -8.91 -5.49 17.77
N SER D 12 -10.02 -4.93 18.26
CA SER D 12 -10.26 -4.67 19.70
C SER D 12 -11.05 -5.83 20.32
N LEU D 13 -11.60 -6.74 19.51
CA LEU D 13 -12.54 -7.77 20.00
C LEU D 13 -11.79 -8.76 20.90
N THR D 14 -12.43 -9.24 21.95
CA THR D 14 -11.97 -10.43 22.71
C THR D 14 -12.29 -11.66 21.86
N ALA D 15 -11.69 -12.80 22.19
CA ALA D 15 -12.02 -14.12 21.61
C ALA D 15 -13.51 -14.39 21.74
N ASP D 16 -14.10 -14.15 22.92
CA ASP D 16 -15.56 -14.35 23.15
C ASP D 16 -16.40 -13.45 22.26
N GLN D 17 -16.05 -12.17 22.08
CA GLN D 17 -16.81 -11.24 21.21
C GLN D 17 -16.68 -11.66 19.74
N MET D 18 -15.51 -12.10 19.33
CA MET D 18 -15.27 -12.58 17.94
C MET D 18 -16.18 -13.79 17.69
N VAL D 19 -16.16 -14.77 18.58
CA VAL D 19 -17.00 -16.02 18.43
C VAL D 19 -18.47 -15.60 18.39
N SER D 20 -18.92 -14.72 19.28
CA SER D 20 -20.33 -14.23 19.33
C SER D 20 -20.71 -13.59 18.01
N ALA D 21 -19.85 -12.73 17.46
CA ALA D 21 -20.07 -12.06 16.16
C ALA D 21 -20.27 -13.12 15.07
N LEU D 22 -19.33 -14.07 14.99
CA LEU D 22 -19.32 -15.13 13.94
C LEU D 22 -20.56 -16.03 14.12
N LEU D 23 -20.93 -16.44 15.33
CA LEU D 23 -22.12 -17.29 15.57
C LEU D 23 -23.37 -16.54 15.11
N ASP D 24 -23.50 -15.25 15.43
CA ASP D 24 -24.67 -14.41 15.03
C ASP D 24 -24.75 -14.26 13.51
N ALA D 25 -23.62 -14.22 12.81
CA ALA D 25 -23.52 -14.00 11.35
C ALA D 25 -23.84 -15.30 10.58
N GLU D 26 -23.89 -16.45 11.25
CA GLU D 26 -24.06 -17.77 10.57
C GLU D 26 -25.29 -17.74 9.67
N PRO D 27 -25.17 -18.17 8.39
CA PRO D 27 -26.34 -18.39 7.56
C PRO D 27 -27.17 -19.57 8.05
N PRO D 28 -28.47 -19.62 7.71
CA PRO D 28 -29.28 -20.79 8.01
C PRO D 28 -28.89 -21.95 7.07
N ILE D 29 -29.27 -23.17 7.40
CA ILE D 29 -29.15 -24.33 6.48
C ILE D 29 -30.35 -24.25 5.56
N LEU D 30 -30.11 -24.16 4.27
CA LEU D 30 -31.17 -24.00 3.25
C LEU D 30 -31.59 -25.39 2.76
N TYR D 31 -32.83 -25.48 2.29
CA TYR D 31 -33.40 -26.68 1.64
C TYR D 31 -33.26 -26.58 0.12
N SER D 32 -33.13 -27.73 -0.53
CA SER D 32 -33.27 -27.85 -2.00
C SER D 32 -34.74 -27.65 -2.38
N GLU D 33 -35.00 -27.31 -3.64
CA GLU D 33 -36.37 -27.13 -4.19
C GLU D 33 -36.99 -28.49 -4.53
N TYR D 34 -36.34 -29.60 -4.14
CA TYR D 34 -36.83 -31.00 -4.31
C TYR D 34 -38.23 -31.14 -3.69
N ASP D 35 -39.27 -31.29 -4.51
CA ASP D 35 -40.68 -31.40 -4.06
C ASP D 35 -40.97 -32.85 -3.70
N PRO D 36 -41.16 -33.19 -2.41
CA PRO D 36 -41.23 -34.59 -1.98
C PRO D 36 -42.51 -35.29 -2.47
N THR D 37 -43.52 -34.53 -2.89
CA THR D 37 -44.79 -35.08 -3.45
C THR D 37 -44.56 -35.56 -4.88
N ARG D 38 -43.39 -35.27 -5.47
CA ARG D 38 -43.11 -35.51 -6.91
C ARG D 38 -42.03 -36.60 -7.01
N PRO D 39 -42.02 -37.45 -8.08
CA PRO D 39 -41.04 -38.52 -8.22
C PRO D 39 -39.60 -38.00 -8.38
N PHE D 40 -38.62 -38.85 -8.06
CA PHE D 40 -37.18 -38.52 -7.95
C PHE D 40 -36.57 -38.18 -9.32
N SER D 41 -37.11 -38.79 -10.38
CA SER D 41 -36.57 -38.70 -11.77
C SER D 41 -36.96 -37.35 -12.39
N GLU D 42 -37.95 -36.65 -11.85
CA GLU D 42 -38.26 -35.23 -12.19
C GLU D 42 -37.06 -34.36 -11.82
N ALA D 43 -36.47 -34.60 -10.65
CA ALA D 43 -35.37 -33.81 -10.06
C ALA D 43 -34.04 -34.10 -10.79
N SER D 44 -33.32 -33.04 -11.20
CA SER D 44 -31.94 -33.08 -11.76
C SER D 44 -30.89 -32.68 -10.70
N MET D 45 -29.82 -33.45 -10.59
CA MET D 45 -28.87 -33.36 -9.44
C MET D 45 -28.10 -32.04 -9.54
N MET D 46 -27.52 -31.76 -10.71
CA MET D 46 -26.75 -30.50 -10.93
C MET D 46 -27.74 -29.33 -10.86
N GLY D 47 -28.97 -29.50 -11.39
CA GLY D 47 -30.04 -28.49 -11.28
C GLY D 47 -30.29 -28.08 -9.83
N LEU D 48 -30.52 -29.06 -8.96
CA LEU D 48 -30.85 -28.83 -7.52
C LEU D 48 -29.66 -28.15 -6.85
N LEU D 49 -28.44 -28.65 -7.07
CA LEU D 49 -27.24 -28.13 -6.39
C LEU D 49 -26.96 -26.71 -6.87
N THR D 50 -27.11 -26.41 -8.17
CA THR D 50 -26.92 -25.04 -8.71
C THR D 50 -27.91 -24.08 -8.03
N ASN D 51 -29.17 -24.48 -7.98
CA ASN D 51 -30.23 -23.65 -7.36
C ASN D 51 -29.88 -23.40 -5.88
N LEU D 52 -29.48 -24.43 -5.16
CA LEU D 52 -29.06 -24.35 -3.74
C LEU D 52 -27.84 -23.40 -3.61
N ALA D 53 -26.79 -23.60 -4.41
CA ALA D 53 -25.54 -22.80 -4.31
C ALA D 53 -25.86 -21.34 -4.57
N ASP D 54 -26.69 -21.04 -5.57
CA ASP D 54 -27.12 -19.66 -5.92
C ASP D 54 -27.80 -19.00 -4.71
N ARG D 55 -28.67 -19.73 -4.00
CA ARG D 55 -29.37 -19.19 -2.81
C ARG D 55 -28.37 -19.04 -1.68
N GLU D 56 -27.48 -20.01 -1.50
CA GLU D 56 -26.41 -19.96 -0.47
C GLU D 56 -25.49 -18.75 -0.73
N LEU D 57 -25.25 -18.36 -1.98
CA LEU D 57 -24.32 -17.26 -2.30
C LEU D 57 -24.86 -15.93 -1.75
N VAL D 58 -26.16 -15.68 -1.86
CA VAL D 58 -26.79 -14.43 -1.32
C VAL D 58 -26.52 -14.35 0.19
N HIS D 59 -26.74 -15.45 0.90
CA HIS D 59 -26.49 -15.54 2.35
C HIS D 59 -24.99 -15.38 2.65
N MET D 60 -24.12 -15.92 1.82
CA MET D 60 -22.65 -15.84 2.05
C MET D 60 -22.22 -14.36 1.99
N ILE D 61 -22.79 -13.60 1.05
CA ILE D 61 -22.45 -12.16 0.88
C ILE D 61 -22.79 -11.45 2.18
N ASN D 62 -23.98 -11.71 2.72
CA ASN D 62 -24.45 -10.98 3.93
C ASN D 62 -23.65 -11.47 5.15
N TRP D 63 -23.30 -12.76 5.19
CA TRP D 63 -22.38 -13.33 6.20
C TRP D 63 -21.02 -12.62 6.14
N ALA D 64 -20.41 -12.55 4.96
CA ALA D 64 -19.06 -11.94 4.79
C ALA D 64 -19.05 -10.53 5.37
N LYS D 65 -20.09 -9.74 5.08
CA LYS D 65 -20.20 -8.33 5.55
C LYS D 65 -20.26 -8.28 7.09
N ARG D 66 -20.62 -9.37 7.76
CA ARG D 66 -20.71 -9.42 9.25
C ARG D 66 -19.43 -10.03 9.86
N VAL D 67 -18.48 -10.51 9.06
CA VAL D 67 -17.21 -11.06 9.60
C VAL D 67 -16.35 -9.87 10.04
N PRO D 68 -15.98 -9.76 11.33
CA PRO D 68 -15.24 -8.58 11.81
C PRO D 68 -14.03 -8.28 10.92
N GLY D 69 -13.93 -7.01 10.48
CA GLY D 69 -12.81 -6.50 9.69
C GLY D 69 -13.09 -6.50 8.20
N PHE D 70 -14.06 -7.28 7.73
CA PHE D 70 -14.25 -7.52 6.28
C PHE D 70 -14.75 -6.22 5.63
N VAL D 71 -15.71 -5.51 6.24
CA VAL D 71 -16.25 -4.26 5.63
C VAL D 71 -15.26 -3.09 5.80
N ASP D 72 -14.16 -3.25 6.54
CA ASP D 72 -13.08 -2.24 6.59
C ASP D 72 -12.33 -2.21 5.25
N LEU D 73 -12.44 -3.26 4.44
CA LEU D 73 -11.73 -3.34 3.15
C LEU D 73 -12.52 -2.55 2.10
N THR D 74 -11.87 -2.18 0.99
CA THR D 74 -12.51 -1.61 -0.21
C THR D 74 -13.45 -2.64 -0.83
N SER D 75 -14.44 -2.19 -1.56
CA SER D 75 -15.38 -3.08 -2.32
C SER D 75 -14.57 -4.01 -3.23
N HIS D 76 -13.56 -3.50 -3.91
CA HIS D 76 -12.67 -4.28 -4.82
C HIS D 76 -12.04 -5.43 -4.04
N ASP D 77 -11.47 -5.16 -2.87
CA ASP D 77 -10.75 -6.19 -2.07
C ASP D 77 -11.76 -7.21 -1.53
N GLN D 78 -12.94 -6.76 -1.09
CA GLN D 78 -14.02 -7.66 -0.63
C GLN D 78 -14.37 -8.65 -1.75
N VAL D 79 -14.55 -8.16 -2.97
CA VAL D 79 -14.97 -9.02 -4.10
C VAL D 79 -13.85 -10.01 -4.37
N HIS D 80 -12.59 -9.57 -4.37
CA HIS D 80 -11.43 -10.43 -4.66
C HIS D 80 -11.40 -11.58 -3.66
N LEU D 81 -11.61 -11.29 -2.37
CA LEU D 81 -11.56 -12.34 -1.32
C LEU D 81 -12.72 -13.30 -1.58
N LEU D 82 -13.92 -12.80 -1.88
CA LEU D 82 -15.10 -13.68 -2.13
C LEU D 82 -14.88 -14.52 -3.40
N GLU D 83 -14.32 -13.94 -4.47
CA GLU D 83 -14.05 -14.68 -5.73
C GLU D 83 -13.15 -15.88 -5.42
N YCM D 84 -12.17 -15.68 -4.54
CA YCM D 84 -11.19 -16.72 -4.27
CB YCM D 84 -9.92 -16.10 -3.73
SG YCM D 84 -8.98 -15.13 -4.91
CD YCM D 84 -7.94 -16.36 -5.72
CE YCM D 84 -8.74 -17.48 -6.31
OZ1 YCM D 84 -8.56 -18.63 -5.91
NZ2 YCM D 84 -9.62 -17.16 -7.23
C YCM D 84 -11.73 -17.77 -3.30
O YCM D 84 -11.31 -18.92 -3.34
N ALA D 85 -12.65 -17.39 -2.40
CA ALA D 85 -13.08 -18.26 -1.30
C ALA D 85 -14.45 -18.93 -1.50
N TRP D 86 -15.29 -18.48 -2.42
CA TRP D 86 -16.74 -18.87 -2.38
C TRP D 86 -16.90 -20.41 -2.38
N LEU D 87 -16.19 -21.15 -3.24
CA LEU D 87 -16.46 -22.62 -3.32
C LEU D 87 -15.85 -23.30 -2.08
N GLU D 88 -14.70 -22.86 -1.59
CA GLU D 88 -14.14 -23.37 -0.30
C GLU D 88 -15.16 -23.15 0.84
N ILE D 89 -15.80 -21.99 0.89
CA ILE D 89 -16.83 -21.67 1.93
C ILE D 89 -18.04 -22.59 1.76
N LEU D 90 -18.53 -22.76 0.52
CA LEU D 90 -19.64 -23.71 0.28
C LEU D 90 -19.24 -25.11 0.75
N MET D 91 -18.02 -25.53 0.42
CA MET D 91 -17.56 -26.89 0.73
C MET D 91 -17.40 -27.08 2.24
N ILE D 92 -16.84 -26.12 2.98
CA ILE D 92 -16.62 -26.36 4.43
C ILE D 92 -18.01 -26.40 5.10
N GLY D 93 -18.98 -25.63 4.60
CA GLY D 93 -20.36 -25.71 5.10
C GLY D 93 -20.93 -27.11 4.92
N LEU D 94 -20.75 -27.68 3.73
CA LEU D 94 -21.26 -29.02 3.39
C LEU D 94 -20.64 -30.06 4.34
N VAL D 95 -19.33 -30.00 4.50
CA VAL D 95 -18.56 -30.96 5.34
C VAL D 95 -19.06 -30.85 6.79
N TRP D 96 -19.24 -29.64 7.31
CA TRP D 96 -19.81 -29.38 8.66
C TRP D 96 -21.19 -30.01 8.81
N ARG D 97 -22.11 -29.78 7.86
CA ARG D 97 -23.51 -30.30 7.89
C ARG D 97 -23.50 -31.83 7.88
N SER D 98 -22.49 -32.43 7.24
CA SER D 98 -22.42 -33.87 6.94
C SER D 98 -21.72 -34.62 8.08
N MET D 99 -21.11 -33.91 9.03
CA MET D 99 -20.27 -34.52 10.11
C MET D 99 -21.02 -35.67 10.78
N GLU D 100 -22.27 -35.45 11.18
CA GLU D 100 -23.06 -36.42 11.98
C GLU D 100 -23.73 -37.48 11.09
N HIS D 101 -23.40 -37.53 9.79
CA HIS D 101 -23.95 -38.51 8.81
C HIS D 101 -22.81 -39.27 8.13
N PRO D 102 -22.10 -40.15 8.86
CA PRO D 102 -20.98 -40.89 8.27
C PRO D 102 -21.33 -41.55 6.93
N GLY D 103 -20.45 -41.40 5.94
CA GLY D 103 -20.60 -41.96 4.59
C GLY D 103 -21.57 -41.19 3.71
N LYS D 104 -22.12 -40.07 4.18
CA LYS D 104 -23.13 -39.28 3.40
C LYS D 104 -22.76 -37.80 3.41
N LEU D 105 -23.18 -37.09 2.36
CA LEU D 105 -23.08 -35.62 2.22
C LEU D 105 -24.48 -35.02 2.30
N LEU D 106 -24.72 -34.24 3.35
CA LEU D 106 -26.01 -33.53 3.58
C LEU D 106 -25.93 -32.20 2.84
N PHE D 107 -26.16 -32.22 1.53
CA PHE D 107 -26.23 -30.99 0.69
C PHE D 107 -27.30 -30.05 1.26
N ALA D 108 -28.42 -30.66 1.65
CA ALA D 108 -29.57 -30.00 2.32
C ALA D 108 -30.27 -31.03 3.19
N PRO D 109 -31.10 -30.64 4.17
CA PRO D 109 -31.79 -31.62 5.00
C PRO D 109 -32.65 -32.58 4.14
N ASN D 110 -33.05 -32.14 2.95
CA ASN D 110 -33.88 -32.90 1.98
C ASN D 110 -33.05 -33.39 0.78
N LEU D 111 -31.72 -33.33 0.87
CA LEU D 111 -30.81 -33.87 -0.19
C LEU D 111 -29.58 -34.48 0.50
N LEU D 112 -29.73 -35.68 1.04
CA LEU D 112 -28.69 -36.46 1.76
C LEU D 112 -28.22 -37.60 0.84
N LEU D 113 -26.99 -37.54 0.37
CA LEU D 113 -26.46 -38.43 -0.70
C LEU D 113 -25.33 -39.30 -0.15
N ASP D 114 -25.33 -40.59 -0.47
CA ASP D 114 -24.22 -41.53 -0.20
C ASP D 114 -23.35 -41.64 -1.46
N ARG D 115 -22.20 -42.31 -1.34
CA ARG D 115 -21.09 -42.27 -2.33
C ARG D 115 -21.58 -42.69 -3.71
N ASN D 116 -22.41 -43.74 -3.77
CA ASN D 116 -22.88 -44.37 -5.04
C ASN D 116 -23.66 -43.35 -5.88
N GLN D 117 -24.43 -42.47 -5.24
CA GLN D 117 -25.35 -41.50 -5.90
C GLN D 117 -24.52 -40.36 -6.50
N GLY D 118 -23.25 -40.21 -6.10
CA GLY D 118 -22.32 -39.20 -6.64
C GLY D 118 -21.92 -39.51 -8.08
N LYS D 119 -22.04 -40.79 -8.46
CA LYS D 119 -21.58 -41.36 -9.77
C LYS D 119 -22.52 -40.90 -10.90
N YCM D 120 -23.70 -40.39 -10.57
CA YCM D 120 -24.72 -39.82 -11.50
CB YCM D 120 -25.57 -38.76 -10.79
SG YCM D 120 -24.62 -37.51 -9.90
C YCM D 120 -24.07 -39.18 -12.74
O YCM D 120 -23.13 -38.39 -12.55
N GLY D 123 -20.79 -36.96 -13.02
CA GLY D 123 -20.89 -36.72 -11.57
C GLY D 123 -19.63 -37.17 -10.85
N MET D 124 -18.97 -36.24 -10.16
CA MET D 124 -17.59 -36.42 -9.62
C MET D 124 -17.63 -37.09 -8.24
N VAL D 125 -17.51 -38.41 -8.30
CA VAL D 125 -17.30 -39.31 -7.11
C VAL D 125 -15.93 -39.02 -6.50
N GLU D 126 -14.95 -38.59 -7.32
CA GLU D 126 -13.60 -38.17 -6.86
C GLU D 126 -13.75 -37.08 -5.78
N ILE D 127 -14.49 -36.01 -6.07
CA ILE D 127 -14.70 -34.88 -5.13
C ILE D 127 -15.58 -35.34 -3.94
N PHE D 128 -16.60 -36.13 -4.23
CA PHE D 128 -17.46 -36.76 -3.20
C PHE D 128 -16.57 -37.43 -2.14
N ASP D 129 -15.63 -38.26 -2.57
CA ASP D 129 -14.72 -39.02 -1.67
C ASP D 129 -13.87 -38.03 -0.86
N MET D 130 -13.37 -36.99 -1.49
CA MET D 130 -12.54 -35.99 -0.77
C MET D 130 -13.39 -35.27 0.30
N LEU D 131 -14.64 -34.96 -0.01
CA LEU D 131 -15.53 -34.24 0.94
C LEU D 131 -15.87 -35.17 2.11
N LEU D 132 -16.20 -36.43 1.82
CA LEU D 132 -16.46 -37.48 2.84
C LEU D 132 -15.25 -37.65 3.75
N ALA D 133 -14.02 -37.65 3.19
CA ALA D 133 -12.77 -37.77 3.97
C ALA D 133 -12.65 -36.59 4.93
N THR D 134 -12.98 -35.37 4.46
CA THR D 134 -12.90 -34.15 5.30
C THR D 134 -13.93 -34.23 6.44
N SER D 135 -15.15 -34.64 6.14
CA SER D 135 -16.23 -34.82 7.15
C SER D 135 -15.77 -35.82 8.22
N SER D 136 -15.14 -36.92 7.82
CA SER D 136 -14.59 -37.96 8.73
C SER D 136 -13.49 -37.36 9.60
N ARG D 137 -12.58 -36.59 9.02
CA ARG D 137 -11.51 -35.90 9.79
C ARG D 137 -12.12 -34.98 10.84
N PHE D 138 -13.13 -34.17 10.49
CA PHE D 138 -13.81 -33.25 11.44
C PHE D 138 -14.46 -34.07 12.56
N ARG D 139 -15.12 -35.18 12.23
CA ARG D 139 -15.77 -36.07 13.23
C ARG D 139 -14.70 -36.63 14.18
N MET D 140 -13.58 -37.12 13.64
CA MET D 140 -12.45 -37.67 14.43
C MET D 140 -11.91 -36.60 15.39
N MET D 141 -11.76 -35.36 14.92
CA MET D 141 -11.23 -34.24 15.74
C MET D 141 -12.29 -33.69 16.71
N ASN D 142 -13.55 -34.11 16.61
CA ASN D 142 -14.69 -33.55 17.38
C ASN D 142 -14.74 -32.02 17.16
N LEU D 143 -14.77 -31.58 15.90
CA LEU D 143 -14.76 -30.13 15.58
C LEU D 143 -16.00 -29.50 16.21
N GLN D 144 -15.82 -28.38 16.93
CA GLN D 144 -16.89 -27.64 17.65
C GLN D 144 -17.40 -26.51 16.75
N GLY D 145 -18.67 -26.15 16.90
CA GLY D 145 -19.31 -25.06 16.16
C GLY D 145 -18.49 -23.78 16.22
N GLU D 146 -17.94 -23.44 17.40
CA GLU D 146 -17.18 -22.20 17.62
C GLU D 146 -15.89 -22.24 16.79
N GLU D 147 -15.28 -23.42 16.64
CA GLU D 147 -14.07 -23.63 15.81
C GLU D 147 -14.43 -23.53 14.32
N PHE D 148 -15.50 -24.20 13.91
CA PHE D 148 -15.98 -24.18 12.51
C PHE D 148 -16.14 -22.74 12.02
N VAL D 149 -16.80 -21.86 12.78
CA VAL D 149 -17.08 -20.49 12.27
C VAL D 149 -15.75 -19.73 12.15
N CYS D 150 -14.80 -19.95 13.06
CA CYS D 150 -13.44 -19.34 12.97
C CYS D 150 -12.76 -19.80 11.66
N LEU D 151 -12.80 -21.09 11.37
CA LEU D 151 -12.15 -21.66 10.16
C LEU D 151 -12.77 -21.09 8.88
N LYS D 152 -14.10 -20.97 8.86
CA LYS D 152 -14.79 -20.42 7.67
C LYS D 152 -14.38 -18.96 7.47
N SER D 153 -14.23 -18.18 8.53
CA SER D 153 -13.76 -16.77 8.45
C SER D 153 -12.29 -16.72 7.95
N ILE D 154 -11.45 -17.66 8.37
CA ILE D 154 -10.05 -17.73 7.91
C ILE D 154 -10.03 -17.98 6.40
N ILE D 155 -10.86 -18.86 5.90
CA ILE D 155 -10.93 -19.17 4.44
C ILE D 155 -11.25 -17.88 3.69
N LEU D 156 -12.25 -17.13 4.17
CA LEU D 156 -12.69 -15.88 3.51
C LEU D 156 -11.51 -14.92 3.44
N LEU D 157 -10.78 -14.72 4.55
CA LEU D 157 -9.71 -13.68 4.61
C LEU D 157 -8.42 -14.18 3.95
N ASN D 158 -8.12 -15.47 4.05
CA ASN D 158 -6.79 -16.00 3.66
C ASN D 158 -6.74 -16.38 2.18
N SER D 159 -7.84 -16.88 1.59
CA SER D 159 -7.77 -17.57 0.28
C SER D 159 -7.24 -16.60 -0.78
N GLY D 160 -7.65 -15.32 -0.72
CA GLY D 160 -7.36 -14.34 -1.77
C GLY D 160 -6.26 -13.36 -1.42
N VAL D 161 -5.67 -13.45 -0.23
CA VAL D 161 -4.80 -12.35 0.30
C VAL D 161 -3.44 -12.32 -0.43
N TYR D 162 -2.95 -13.47 -0.93
CA TYR D 162 -1.61 -13.61 -1.56
C TYR D 162 -1.73 -13.29 -3.06
N THR D 163 -2.90 -12.93 -3.57
CA THR D 163 -3.13 -12.71 -5.03
C THR D 163 -3.72 -11.32 -5.30
N PHE D 164 -3.61 -10.36 -4.36
CA PHE D 164 -3.89 -8.93 -4.66
C PHE D 164 -2.83 -8.46 -5.68
N LEU D 165 -3.23 -7.97 -6.85
CA LEU D 165 -2.29 -7.56 -7.93
C LEU D 165 -1.76 -6.13 -7.72
N SER D 166 -2.44 -5.35 -6.88
CA SER D 166 -2.19 -3.89 -6.75
C SER D 166 -0.86 -3.63 -6.02
N SER D 167 -0.18 -2.54 -6.40
CA SER D 167 1.10 -2.07 -5.79
C SER D 167 0.92 -0.69 -5.15
N THR D 168 -0.32 -0.37 -4.78
CA THR D 168 -0.71 0.89 -4.12
C THR D 168 -0.44 0.77 -2.63
N LEU D 169 -0.30 1.92 -1.95
CA LEU D 169 -0.23 2.01 -0.47
C LEU D 169 -1.51 1.40 0.11
N LYS D 170 -2.67 1.69 -0.49
CA LYS D 170 -3.98 1.20 -0.02
C LYS D 170 -3.99 -0.34 0.00
N SER D 171 -3.51 -0.99 -1.07
CA SER D 171 -3.47 -2.48 -1.17
C SER D 171 -2.55 -3.06 -0.09
N LEU D 172 -1.39 -2.44 0.15
CA LEU D 172 -0.46 -2.85 1.23
C LEU D 172 -1.18 -2.76 2.59
N GLU D 173 -1.88 -1.65 2.83
CA GLU D 173 -2.64 -1.38 4.09
C GLU D 173 -3.76 -2.42 4.23
N GLU D 174 -4.41 -2.76 3.12
CA GLU D 174 -5.49 -3.79 3.09
C GLU D 174 -4.94 -5.15 3.51
N LYS D 175 -3.83 -5.57 2.89
CA LYS D 175 -3.15 -6.85 3.18
C LYS D 175 -2.74 -6.87 4.66
N ASP D 176 -2.19 -5.77 5.17
CA ASP D 176 -1.74 -5.67 6.59
C ASP D 176 -2.95 -5.88 7.51
N HIS D 177 -4.05 -5.20 7.21
CA HIS D 177 -5.33 -5.28 7.97
C HIS D 177 -5.81 -6.75 8.01
N ILE D 178 -5.83 -7.41 6.87
CA ILE D 178 -6.26 -8.83 6.76
C ILE D 178 -5.36 -9.71 7.62
N HIS D 179 -4.05 -9.52 7.61
CA HIS D 179 -3.13 -10.37 8.40
C HIS D 179 -3.39 -10.14 9.90
N ARG D 180 -3.70 -8.91 10.29
CA ARG D 180 -4.01 -8.58 11.71
C ARG D 180 -5.34 -9.22 12.12
N VAL D 181 -6.35 -9.26 11.25
CA VAL D 181 -7.66 -9.91 11.59
C VAL D 181 -7.39 -11.42 11.70
N LEU D 182 -6.61 -11.98 10.78
CA LEU D 182 -6.26 -13.43 10.81
C LEU D 182 -5.58 -13.77 12.14
N ASP D 183 -4.68 -12.91 12.61
CA ASP D 183 -4.02 -13.07 13.94
C ASP D 183 -5.07 -13.08 15.08
N LYS D 184 -6.04 -12.17 15.03
CA LYS D 184 -7.15 -12.15 16.02
C LYS D 184 -7.93 -13.47 15.97
N ILE D 185 -8.17 -14.03 14.78
CA ILE D 185 -8.90 -15.32 14.69
C ILE D 185 -8.05 -16.44 15.27
N THR D 186 -6.72 -16.42 15.04
CA THR D 186 -5.78 -17.35 15.67
C THR D 186 -5.92 -17.30 17.19
N ASP D 187 -5.82 -16.10 17.76
CA ASP D 187 -5.98 -15.86 19.22
C ASP D 187 -7.31 -16.45 19.68
N THR D 188 -8.37 -16.28 18.88
CA THR D 188 -9.74 -16.74 19.23
C THR D 188 -9.75 -18.26 19.29
N LEU D 189 -9.17 -18.93 18.30
CA LEU D 189 -9.10 -20.41 18.28
C LEU D 189 -8.34 -20.90 19.51
N ILE D 190 -7.20 -20.30 19.82
CA ILE D 190 -6.37 -20.73 21.00
C ILE D 190 -7.22 -20.52 22.26
N HIS D 191 -7.88 -19.37 22.37
CA HIS D 191 -8.71 -19.06 23.57
C HIS D 191 -9.79 -20.13 23.76
N LEU D 192 -10.50 -20.49 22.68
CA LEU D 192 -11.57 -21.54 22.72
C LEU D 192 -10.99 -22.85 23.25
N MET D 193 -9.81 -23.23 22.76
CA MET D 193 -9.14 -24.49 23.14
C MET D 193 -8.70 -24.42 24.61
N ALA D 194 -8.15 -23.28 25.06
CA ALA D 194 -7.71 -23.07 26.47
C ALA D 194 -8.93 -23.20 27.37
N LYS D 195 -10.06 -22.60 26.97
CA LYS D 195 -11.34 -22.63 27.73
C LYS D 195 -11.83 -24.07 27.85
N ALA D 196 -11.67 -24.87 26.79
CA ALA D 196 -12.12 -26.27 26.71
C ALA D 196 -11.21 -27.17 27.55
N GLY D 197 -10.08 -26.66 28.04
CA GLY D 197 -9.17 -27.36 28.96
C GLY D 197 -7.98 -28.04 28.27
N LEU D 198 -7.70 -27.71 27.01
CA LEU D 198 -6.50 -28.28 26.32
C LEU D 198 -5.24 -27.68 26.93
N THR D 199 -4.19 -28.50 27.07
CA THR D 199 -2.82 -28.05 27.45
C THR D 199 -2.29 -27.13 26.35
N LEU D 200 -1.27 -26.34 26.67
CA LEU D 200 -0.57 -25.49 25.66
C LEU D 200 -0.13 -26.34 24.47
N GLN D 201 0.45 -27.52 24.72
CA GLN D 201 0.91 -28.42 23.65
C GLN D 201 -0.29 -28.85 22.79
N GLN D 202 -1.38 -29.26 23.41
CA GLN D 202 -2.61 -29.70 22.70
C GLN D 202 -3.19 -28.52 21.91
N GLN D 203 -3.13 -27.31 22.46
CA GLN D 203 -3.64 -26.09 21.76
C GLN D 203 -2.87 -25.90 20.45
N HIS D 204 -1.52 -25.93 20.47
CA HIS D 204 -0.76 -25.66 19.23
C HIS D 204 -0.95 -26.82 18.25
N GLN D 205 -0.99 -28.06 18.73
CA GLN D 205 -1.18 -29.23 17.85
C GLN D 205 -2.55 -29.12 17.16
N ARG D 206 -3.61 -28.79 17.90
CA ARG D 206 -4.98 -28.71 17.33
C ARG D 206 -5.09 -27.52 16.38
N LEU D 207 -4.52 -26.37 16.70
CA LEU D 207 -4.46 -25.22 15.76
C LEU D 207 -3.83 -25.69 14.43
N ALA D 208 -2.71 -26.38 14.46
CA ALA D 208 -2.02 -26.86 13.24
C ALA D 208 -2.88 -27.90 12.50
N GLN D 209 -3.55 -28.80 13.23
CA GLN D 209 -4.40 -29.82 12.59
C GLN D 209 -5.55 -29.13 11.84
N LEU D 210 -6.16 -28.14 12.45
CA LEU D 210 -7.30 -27.42 11.80
C LEU D 210 -6.80 -26.68 10.56
N LEU D 211 -5.68 -25.98 10.65
CA LEU D 211 -5.21 -25.14 9.54
C LEU D 211 -4.72 -26.01 8.39
N LEU D 212 -4.15 -27.19 8.67
CA LEU D 212 -3.68 -28.11 7.60
C LEU D 212 -4.89 -28.64 6.83
N ILE D 213 -6.06 -28.80 7.46
CA ILE D 213 -7.26 -29.27 6.72
C ILE D 213 -7.66 -28.20 5.71
N LEU D 214 -7.38 -26.92 5.96
CA LEU D 214 -7.66 -25.81 5.01
C LEU D 214 -6.90 -26.02 3.70
N SER D 215 -5.70 -26.60 3.71
CA SER D 215 -4.97 -26.98 2.47
C SER D 215 -5.78 -28.00 1.67
N HIS D 216 -6.40 -28.97 2.35
CA HIS D 216 -7.24 -29.98 1.66
C HIS D 216 -8.50 -29.33 1.09
N ILE D 217 -9.13 -28.42 1.81
CA ILE D 217 -10.33 -27.71 1.29
C ILE D 217 -9.95 -26.90 0.05
N ARG D 218 -8.77 -26.27 0.04
CA ARG D 218 -8.30 -25.50 -1.15
C ARG D 218 -8.19 -26.46 -2.33
N HIS D 219 -7.64 -27.64 -2.08
CA HIS D 219 -7.41 -28.68 -3.11
C HIS D 219 -8.76 -29.12 -3.69
N MET D 220 -9.70 -29.40 -2.83
CA MET D 220 -11.07 -29.81 -3.24
C MET D 220 -11.72 -28.68 -4.05
N SER D 221 -11.59 -27.43 -3.62
CA SER D 221 -12.17 -26.26 -4.35
C SER D 221 -11.58 -26.22 -5.76
N ASN D 222 -10.26 -26.37 -5.90
CA ASN D 222 -9.59 -26.32 -7.22
C ASN D 222 -10.09 -27.47 -8.09
N LYS D 223 -10.20 -28.67 -7.52
CA LYS D 223 -10.64 -29.88 -8.27
C LYS D 223 -12.09 -29.64 -8.71
N GLY D 224 -12.92 -29.13 -7.81
CA GLY D 224 -14.33 -28.76 -8.04
C GLY D 224 -14.47 -27.80 -9.20
N MET D 225 -13.66 -26.74 -9.24
CA MET D 225 -13.61 -25.74 -10.34
C MET D 225 -13.24 -26.47 -11.64
N GLU D 226 -12.22 -27.33 -11.61
CA GLU D 226 -11.72 -28.09 -12.79
C GLU D 226 -12.84 -29.00 -13.32
N HIS D 227 -13.65 -29.58 -12.42
CA HIS D 227 -14.74 -30.52 -12.78
C HIS D 227 -15.95 -29.74 -13.31
N LEU D 228 -16.26 -28.59 -12.72
CA LEU D 228 -17.36 -27.67 -13.17
C LEU D 228 -17.10 -27.33 -14.64
N TYR D 229 -15.87 -26.93 -14.97
CA TYR D 229 -15.46 -26.53 -16.34
C TYR D 229 -15.65 -27.72 -17.28
N SER D 230 -15.12 -28.90 -16.93
CA SER D 230 -15.21 -30.15 -17.73
C SER D 230 -16.68 -30.52 -17.99
N LYS D 232 -19.34 -28.66 -18.39
CA LYS D 232 -19.52 -27.41 -19.19
C LYS D 232 -20.39 -26.42 -18.40
N CYS D 233 -19.95 -26.07 -17.17
CA CYS D 233 -20.70 -25.18 -16.25
C CYS D 233 -19.85 -23.96 -15.87
N LYS D 234 -18.97 -23.50 -16.76
CA LYS D 234 -18.22 -22.22 -16.57
C LYS D 234 -19.20 -21.11 -16.15
N ASN D 235 -20.38 -21.08 -16.77
CA ASN D 235 -21.46 -20.06 -16.58
C ASN D 235 -21.83 -19.92 -15.10
N VAL D 236 -21.64 -20.98 -14.31
CA VAL D 236 -22.14 -21.15 -12.91
C VAL D 236 -21.25 -20.38 -11.92
N VAL D 237 -20.00 -20.16 -12.25
CA VAL D 237 -19.01 -19.51 -11.35
C VAL D 237 -19.34 -18.03 -11.26
N PRO D 238 -19.51 -17.43 -10.06
CA PRO D 238 -19.80 -16.00 -9.95
C PRO D 238 -18.63 -15.14 -10.43
N SER D 239 -18.89 -14.20 -11.34
CA SER D 239 -17.90 -13.25 -11.88
C SER D 239 -17.58 -12.19 -10.83
N TYR D 240 -16.45 -11.51 -11.00
CA TYR D 240 -16.09 -10.28 -10.27
C TYR D 240 -17.31 -9.32 -10.24
N ASP D 241 -17.90 -9.06 -11.40
CA ASP D 241 -18.96 -8.04 -11.56
C ASP D 241 -20.22 -8.48 -10.81
N LEU D 242 -20.53 -9.77 -10.82
CA LEU D 242 -21.74 -10.28 -10.12
C LEU D 242 -21.54 -10.08 -8.62
N LEU D 243 -20.36 -10.42 -8.11
CA LEU D 243 -20.04 -10.29 -6.67
C LEU D 243 -20.05 -8.82 -6.26
N LEU D 244 -19.53 -7.93 -7.10
CA LEU D 244 -19.50 -6.48 -6.79
C LEU D 244 -20.95 -5.96 -6.69
N GLU D 245 -21.78 -6.31 -7.68
CA GLU D 245 -23.21 -5.89 -7.68
C GLU D 245 -23.89 -6.45 -6.42
N MET D 246 -23.66 -7.72 -6.07
CA MET D 246 -24.30 -8.37 -4.89
C MET D 246 -23.85 -7.67 -3.59
N LEU D 247 -22.56 -7.33 -3.45
CA LEU D 247 -22.04 -6.58 -2.28
C LEU D 247 -22.72 -5.22 -2.17
N ASP D 248 -22.85 -4.52 -3.30
CA ASP D 248 -23.41 -3.14 -3.36
C ASP D 248 -24.92 -3.18 -3.05
N ALA D 249 -25.61 -4.23 -3.48
CA ALA D 249 -27.06 -4.43 -3.20
C ALA D 249 -27.23 -4.66 -1.69
C10 73I E . -13.75 31.98 8.90
C10 73I E . -8.66 33.89 10.35
C13 73I E . -11.88 28.58 6.49
C13 73I E . -8.93 30.92 7.39
C15 73I E . -11.49 28.10 8.91
C15 73I E . -8.71 29.46 9.34
C17 73I E . -14.13 33.05 9.66
C17 73I E . -8.68 34.69 11.42
C20 73I E . -12.06 33.36 10.34
C20 73I E . -9.94 33.18 12.55
C21 73I E . -12.51 31.48 8.84
C21 73I E . -9.24 32.68 10.33
C22 73I E . -9.48 33.99 4.89
C22 73I E . -13.02 35.15 6.57
C24 73I E . -7.64 34.95 6.23
C24 73I E . -11.53 36.11 8.16
C26 73I E . -12.45 30.54 6.46
C26 73I E . -10.50 31.56 8.43
C01 73I E . -11.60 35.38 3.21
C01 73I E . -15.11 32.33 4.80
C02 73I E . -10.50 25.94 9.36
C02 73I E . -8.46 27.17 9.00
C03 73I E . -10.75 29.09 5.58
C03 73I E . -9.19 32.36 6.92
F01 73I E . -15.03 31.16 5.34
C04 73I E . -10.80 26.03 10.71
C04 73I E . -8.82 26.89 10.28
O01 73I E . -12.92 29.34 5.97
O01 73I E . -10.18 30.46 7.64
C05 73I E . -10.86 26.95 8.50
C05 73I E . -8.41 28.41 8.55
C06 73I E . -11.76 28.17 10.25
C06 73I E . -9.08 29.18 10.60
F02 73I E . -14.30 32.31 3.78
F03 73I E . -16.32 32.24 4.33
C07 73I E . -8.15 34.07 5.28
C07 73I E . -12.21 35.11 7.63
O02 73I E . -8.21 36.83 7.81
O02 73I E . -10.74 38.28 8.25
C08 73I E . -11.43 27.16 11.12
C08 73I E . -9.14 27.94 11.07
O03 73I E . -12.24 31.40 3.57
O03 73I E . -12.72 31.57 6.12
C09 73I E . -13.28 33.75 10.40
C09 73I E . -9.33 34.35 12.55
C11 73I E . -11.07 30.60 5.63
C11 73I E . -10.67 32.69 7.33
C12 73I E . -9.66 35.72 6.45
C12 73I E . -12.33 37.45 6.51
O04 73I E . -9.79 30.80 3.61
O04 73I E . -11.51 33.20 4.92
N01 73I E . -10.28 33.32 4.05
N01 73I E . -13.51 34.01 6.19
C16 73I E . -8.43 35.82 6.87
C16 73I E . -11.56 37.34 7.64
S01 73I E . -10.89 31.67 4.09
S01 73I E . -12.21 32.90 6.13
C19 73I E . -10.89 34.11 2.87
C19 73I E . -14.92 33.53 5.73
O05 73I E . -10.38 25.03 11.59
O05 73I E . -8.87 25.61 10.76
C23 73I E . -11.82 29.03 7.97
C23 73I E . -8.64 30.73 8.86
O06 73I E . -13.60 34.82 11.16
O06 73I E . -9.38 35.13 13.66
C25 73I E . -11.72 32.30 9.60
C25 73I E . -9.90 32.37 11.47
C14 73I E . -12.14 30.38 7.98
C14 73I E . -9.23 31.86 9.24
C18 73I E . -10.14 34.91 5.55
C18 73I E . -13.02 36.39 5.98
C10 73I F . 6.57 41.32 -13.47
C13 73I F . 8.69 40.48 -10.03
C15 73I F . 9.65 40.06 -12.41
C17 73I F . 5.73 41.64 -14.48
C20 73I F . 6.18 43.87 -14.09
C21 73I F . 7.25 42.24 -12.73
C22 73I F . 8.64 45.06 -7.87
C24 73I F . 9.86 46.58 -9.26
C26 73I F . 8.33 42.52 -10.33
C01 73I F . 10.65 43.31 -6.28
C02 73I F . 11.13 38.28 -12.89
C03 73I F . 7.22 40.58 -9.61
F01 73I F . 11.31 44.37 -6.65
C04 73I F . 11.29 38.67 -14.15
O01 73I F . 9.22 41.70 -9.58
C05 73I F . 10.34 38.95 -12.02
C06 73I F . 9.82 40.44 -13.70
F02 73I F . 10.86 42.39 -7.20
F03 73I F . 11.24 42.93 -5.17
C07 73I F . 9.63 45.35 -8.75
O02 73I F . 9.38 48.85 -9.49
C08 73I F . 10.62 39.76 -14.55
O03 73I F . 6.74 41.63 -7.28
C09 73I F . 5.51 42.95 -14.81
C11 73I F . 7.11 42.12 -9.51
C12 73I F . 8.11 47.40 -8.08
O04 73I F . 5.90 43.83 -8.27
N01 73I F . 8.34 43.92 -7.32
C16 73I F . 9.12 47.63 -8.94
S01 73I F . 7.03 42.95 -7.84
C19 73I F . 9.15 43.48 -6.12
O05 73I F . 12.07 37.95 -14.96
C23 73I F . 8.85 40.75 -11.54
O06 73I F . 4.67 43.29 -15.84
C25 73I F . 7.01 43.53 -13.09
C14 73I F . 8.12 41.87 -11.71
C18 73I F . 7.89 46.16 -7.57
C10 73I G . 7.89 -28.24 -13.16
C13 73I G . 7.71 -24.11 -11.99
C15 73I G . 9.55 -25.77 -11.30
C17 73I G . 7.94 -29.47 -13.72
C20 73I G . 8.33 -28.52 -15.78
C21 73I G . 8.07 -27.10 -13.89
C22 73I G . 3.86 -26.70 -14.61
C24 73I G . 2.98 -28.61 -13.50
C26 73I G . 6.96 -24.85 -13.78
C01 73I G . 2.61 -24.54 -16.92
C02 73I G . 10.58 -25.63 -9.14
C03 73I G . 6.31 -24.51 -11.49
F01 73I G . 2.72 -24.61 -18.22
C04 73I G . 11.65 -26.37 -9.54
O01 73I G . 7.42 -23.61 -13.29
C05 73I G . 9.58 -25.35 -10.02
C06 73I G . 10.63 -26.53 -11.66
F02 73I G . 2.19 -23.33 -16.65
F03 73I G . 1.69 -25.42 -16.61
C07 73I G . 3.04 -27.29 -13.72
O02 73I G . 3.67 -30.80 -13.88
C08 73I G . 11.64 -26.80 -10.81
O03 73I G . 4.58 -22.98 -13.88
C09 73I G . 8.15 -29.63 -15.06
C11 73I G . 5.76 -25.05 -12.83
C12 73I G . 4.60 -28.93 -15.04
O04 73I G . 3.54 -24.67 -12.24
N01 73I G . 3.93 -25.41 -14.81
C16 73I G . 3.76 -29.47 -14.15
S01 73I G . 4.18 -24.35 -13.51
C19 73I G . 3.89 -24.79 -16.19
O05 73I G . 12.63 -26.69 -8.66
C23 73I G . 8.53 -25.39 -12.17
O06 73I G . 8.19 -30.86 -15.63
C25 73I G . 8.29 -27.28 -15.22
C14 73I G . 8.04 -25.88 -13.33
C18 73I G . 4.65 -27.61 -15.26
C10 73I H . -21.68 -25.77 -6.56
C13 73I H . -19.86 -28.93 -4.66
C15 73I H . -21.78 -27.61 -3.53
C17 73I H . -22.17 -24.74 -7.33
C20 73I H . -23.40 -26.26 -8.51
C21 73I H . -22.03 -27.08 -6.74
C22 73I H . -20.69 -32.47 -8.12
C24 73I H . -23.01 -32.92 -8.35
C26 73I H . -20.94 -29.45 -6.38
C01 73I H . -19.64 -34.19 -5.87
C02 73I H . -21.76 -27.15 -1.23
C03 73I H . -18.91 -28.44 -5.76
F01 73I H . -19.91 -35.08 -6.77
C04 73I H . -22.94 -26.53 -1.28
O01 73I H . -20.42 -30.08 -5.22
C05 73I H . -21.19 -27.67 -2.30
C06 73I H . -22.97 -26.93 -3.57
F02 73I H . -18.92 -34.73 -4.90
F03 73I H . -20.78 -33.92 -5.33
C07 73I H . -21.94 -32.52 -7.63
O02 73I H . -24.04 -33.68 -10.31
C08 73I H . -23.53 -26.40 -2.46
O03 73I H . -19.05 -30.16 -9.13
C09 73I H . -23.05 -24.97 -8.33
C11 73I H . -19.57 -29.13 -6.98
C12 73I H . -21.69 -33.24 -10.15
O04 73I H . -17.51 -30.37 -7.13
N01 73I H . -19.60 -32.11 -7.48
C16 73I H . -22.92 -33.29 -9.63
S01 73I H . -18.78 -30.64 -7.77
C19 73I H . -18.93 -32.98 -6.43
O05 73I H . -23.47 -26.01 -0.18
C23 73I H . -21.18 -28.12 -4.63
O06 73I H . -23.58 -23.95 -9.09
C25 73I H . -22.91 -27.27 -7.76
C14 73I H . -21.53 -28.10 -5.94
C18 73I H . -20.63 -32.84 -9.42
#